data_2L4F
#
_entry.id   2L4F
#
_entity_poly.entity_id   1
_entity_poly.type   'polypeptide(L)'
_entity_poly.pdbx_seq_one_letter_code
;GSIKRKDASPEQEAIESFTSLTKCDPKVSRKYLQRNHWNINYALNDYYDKEIGTFTDEV
;
_entity_poly.pdbx_strand_id   A
#
# COMPACT_ATOMS: atom_id res chain seq x y z
N ILE A 3 -5.73 -10.28 -14.44
CA ILE A 3 -6.74 -11.33 -14.41
C ILE A 3 -7.55 -11.16 -13.13
N LYS A 4 -8.64 -10.40 -13.23
CA LYS A 4 -9.57 -10.21 -12.14
C LYS A 4 -10.24 -11.54 -11.81
N ARG A 5 -10.08 -11.99 -10.56
CA ARG A 5 -10.65 -13.23 -10.06
C ARG A 5 -12.04 -13.00 -9.46
N LYS A 6 -12.73 -11.99 -10.00
CA LYS A 6 -14.05 -11.55 -9.57
C LYS A 6 -14.14 -11.24 -8.08
N ASP A 7 -12.99 -11.05 -7.43
CA ASP A 7 -12.95 -10.76 -6.01
C ASP A 7 -11.64 -10.08 -5.62
N ALA A 8 -10.54 -10.51 -6.22
CA ALA A 8 -9.27 -9.88 -5.94
C ALA A 8 -8.28 -10.15 -7.06
N SER A 9 -8.13 -9.13 -7.90
CA SER A 9 -7.12 -9.03 -8.93
C SER A 9 -5.72 -9.32 -8.39
N PRO A 10 -4.74 -9.55 -9.28
CA PRO A 10 -3.36 -9.83 -8.91
C PRO A 10 -2.76 -8.64 -8.22
N GLU A 11 -3.33 -7.48 -8.53
CA GLU A 11 -2.97 -6.21 -7.95
C GLU A 11 -3.85 -5.92 -6.75
N GLN A 12 -5.16 -6.14 -6.90
CA GLN A 12 -6.14 -5.81 -5.88
C GLN A 12 -6.03 -6.72 -4.67
N GLU A 13 -5.28 -7.83 -4.78
CA GLU A 13 -5.09 -8.72 -3.64
C GLU A 13 -4.04 -8.13 -2.72
N ALA A 14 -3.29 -7.14 -3.22
CA ALA A 14 -2.38 -6.38 -2.39
C ALA A 14 -2.93 -4.97 -2.21
N ILE A 15 -3.31 -4.30 -3.29
CA ILE A 15 -3.80 -2.92 -3.24
C ILE A 15 -5.01 -2.78 -2.35
N GLU A 16 -6.04 -3.61 -2.51
CA GLU A 16 -7.23 -3.39 -1.71
C GLU A 16 -7.00 -3.79 -0.25
N SER A 17 -5.99 -4.64 -0.02
CA SER A 17 -5.70 -5.10 1.33
C SER A 17 -4.85 -4.04 2.01
N PHE A 18 -4.04 -3.36 1.20
CA PHE A 18 -3.09 -2.38 1.63
C PHE A 18 -3.80 -1.06 1.84
N THR A 19 -4.43 -0.58 0.77
CA THR A 19 -5.15 0.68 0.76
C THR A 19 -6.27 0.72 1.80
N SER A 20 -6.84 -0.44 2.19
CA SER A 20 -7.81 -0.48 3.27
C SER A 20 -7.13 -0.53 4.63
N LEU A 21 -5.91 -1.08 4.71
CA LEU A 21 -5.15 -1.15 5.94
C LEU A 21 -4.37 0.14 6.20
N THR A 22 -4.23 1.01 5.18
CA THR A 22 -3.50 2.27 5.29
C THR A 22 -4.37 3.46 4.96
N LYS A 23 -5.64 3.19 4.60
CA LYS A 23 -6.64 4.23 4.47
C LYS A 23 -6.32 5.22 3.36
N CYS A 24 -5.32 4.91 2.52
CA CYS A 24 -4.93 5.75 1.41
C CYS A 24 -5.76 5.45 0.16
N ASP A 25 -5.39 6.06 -0.97
CA ASP A 25 -6.03 5.79 -2.24
C ASP A 25 -5.37 4.58 -2.91
N PRO A 26 -6.12 3.75 -3.64
CA PRO A 26 -5.59 2.55 -4.28
C PRO A 26 -4.39 2.81 -5.19
N LYS A 27 -4.24 4.04 -5.69
CA LYS A 27 -3.14 4.39 -6.58
C LYS A 27 -1.89 4.74 -5.80
N VAL A 28 -2.03 4.92 -4.49
CA VAL A 28 -0.88 5.16 -3.62
C VAL A 28 -0.31 3.80 -3.19
N SER A 29 -1.18 2.82 -2.92
CA SER A 29 -0.72 1.48 -2.63
C SER A 29 0.12 0.98 -3.80
N ARG A 30 -0.39 1.21 -5.01
CA ARG A 30 0.26 0.87 -6.27
C ARG A 30 1.64 1.50 -6.38
N LYS A 31 1.94 2.58 -5.67
CA LYS A 31 3.26 3.19 -5.80
C LYS A 31 4.19 2.87 -4.64
N TYR A 32 3.68 2.20 -3.60
CA TYR A 32 4.54 1.66 -2.54
C TYR A 32 4.69 0.17 -2.73
N LEU A 33 3.82 -0.43 -3.54
CA LEU A 33 3.94 -1.84 -3.92
C LEU A 33 4.97 -1.95 -5.02
N GLN A 34 4.98 -1.00 -5.97
CA GLN A 34 5.97 -0.99 -7.04
C GLN A 34 7.36 -0.68 -6.51
N ARG A 35 7.46 -0.23 -5.25
CA ARG A 35 8.74 0.02 -4.60
C ARG A 35 9.27 -1.24 -3.93
N ASN A 36 8.43 -2.27 -3.80
CA ASN A 36 8.76 -3.47 -3.05
C ASN A 36 8.23 -4.73 -3.73
N HIS A 37 8.28 -4.76 -5.07
CA HIS A 37 7.88 -5.92 -5.86
C HIS A 37 6.53 -6.50 -5.43
N TRP A 38 5.59 -5.59 -5.15
CA TRP A 38 4.23 -5.89 -4.72
C TRP A 38 4.18 -6.84 -3.54
N ASN A 39 5.15 -6.73 -2.63
CA ASN A 39 5.16 -7.49 -1.39
C ASN A 39 4.44 -6.64 -0.36
N ILE A 40 3.33 -7.10 0.19
CA ILE A 40 2.52 -6.24 1.02
C ILE A 40 3.17 -6.00 2.39
N ASN A 41 4.12 -6.85 2.79
CA ASN A 41 4.73 -6.72 4.11
C ASN A 41 5.86 -5.71 4.03
N TYR A 42 6.64 -5.81 2.95
CA TYR A 42 7.74 -4.92 2.68
C TYR A 42 7.21 -3.53 2.31
N ALA A 43 6.09 -3.49 1.59
CA ALA A 43 5.49 -2.24 1.17
C ALA A 43 4.82 -1.52 2.34
N LEU A 44 4.38 -2.26 3.36
CA LEU A 44 3.76 -1.63 4.52
C LEU A 44 4.82 -0.99 5.42
N ASN A 45 6.00 -1.61 5.51
CA ASN A 45 7.08 -1.04 6.32
C ASN A 45 7.63 0.21 5.64
N ASP A 46 7.67 0.23 4.30
CA ASP A 46 8.15 1.38 3.56
C ASP A 46 7.16 2.53 3.67
N TYR A 47 5.87 2.27 3.61
CA TYR A 47 4.84 3.29 3.76
C TYR A 47 4.80 3.82 5.20
N TYR A 48 5.01 2.94 6.17
CA TYR A 48 5.10 3.36 7.57
C TYR A 48 6.44 4.05 7.81
N ASP A 49 7.35 4.01 6.84
CA ASP A 49 8.62 4.71 6.93
C ASP A 49 8.52 6.11 6.30
N LYS A 50 7.43 6.37 5.57
CA LYS A 50 7.24 7.62 4.83
C LYS A 50 6.12 8.47 5.43
N GLU A 51 5.04 7.83 5.88
CA GLU A 51 3.84 8.51 6.32
C GLU A 51 3.70 8.48 7.84
N ILE A 52 4.08 7.35 8.45
CA ILE A 52 4.02 7.18 9.89
C ILE A 52 5.38 7.47 10.53
N GLY A 53 6.44 7.51 9.72
CA GLY A 53 7.81 7.74 10.18
C GLY A 53 8.09 9.20 10.53
N THR A 54 7.07 10.05 10.56
CA THR A 54 7.21 11.48 10.83
C THR A 54 6.27 11.94 11.93
N PHE A 55 5.90 11.02 12.81
CA PHE A 55 4.94 11.27 13.88
C PHE A 55 5.44 12.24 14.91
N THR A 56 6.76 12.33 15.03
CA THR A 56 7.42 13.13 16.03
C THR A 56 7.36 14.64 15.73
N ASP A 57 6.28 15.09 15.11
CA ASP A 57 6.09 16.49 14.73
C ASP A 57 5.52 17.30 15.88
N GLU A 58 5.27 16.60 16.98
CA GLU A 58 4.73 17.15 18.21
C GLU A 58 5.56 16.71 19.43
N VAL A 59 6.83 16.40 19.16
CA VAL A 59 7.77 15.90 20.17
C VAL A 59 9.04 16.74 20.16
N ILE A 3 -12.45 -13.11 -18.36
CA ILE A 3 -11.83 -13.52 -17.11
C ILE A 3 -11.85 -12.35 -16.13
N LYS A 4 -13.06 -11.86 -15.82
CA LYS A 4 -13.22 -10.75 -14.90
C LYS A 4 -13.22 -11.25 -13.47
N ARG A 5 -12.45 -10.56 -12.63
CA ARG A 5 -12.23 -10.92 -11.24
C ARG A 5 -12.38 -9.70 -10.34
N LYS A 6 -13.57 -9.10 -10.41
CA LYS A 6 -13.96 -7.86 -9.75
C LYS A 6 -14.14 -8.03 -8.25
N ASP A 7 -13.21 -8.72 -7.59
CA ASP A 7 -13.26 -8.97 -6.17
C ASP A 7 -11.86 -8.94 -5.57
N ALA A 8 -10.88 -9.48 -6.29
CA ALA A 8 -9.49 -9.46 -5.86
C ALA A 8 -8.60 -9.96 -6.98
N SER A 9 -8.37 -9.07 -7.95
CA SER A 9 -7.42 -9.22 -9.02
C SER A 9 -6.00 -9.38 -8.45
N PRO A 10 -5.01 -9.51 -9.34
CA PRO A 10 -3.62 -9.77 -9.02
C PRO A 10 -2.97 -8.59 -8.30
N GLU A 11 -3.47 -7.40 -8.62
CA GLU A 11 -3.02 -6.17 -7.99
C GLU A 11 -3.89 -5.85 -6.81
N GLN A 12 -5.18 -6.21 -6.89
CA GLN A 12 -6.17 -5.90 -5.89
C GLN A 12 -5.98 -6.77 -4.64
N GLU A 13 -5.21 -7.86 -4.76
CA GLU A 13 -5.01 -8.74 -3.62
C GLU A 13 -3.95 -8.14 -2.72
N ALA A 14 -3.24 -7.14 -3.23
CA ALA A 14 -2.36 -6.34 -2.41
C ALA A 14 -2.95 -4.95 -2.22
N ILE A 15 -3.39 -4.30 -3.29
CA ILE A 15 -3.89 -2.94 -3.23
C ILE A 15 -5.09 -2.82 -2.31
N GLU A 16 -6.11 -3.67 -2.46
CA GLU A 16 -7.30 -3.48 -1.65
C GLU A 16 -7.04 -3.88 -0.20
N SER A 17 -6.02 -4.71 0.03
CA SER A 17 -5.69 -5.15 1.37
C SER A 17 -4.87 -4.07 2.04
N PHE A 18 -4.07 -3.37 1.22
CA PHE A 18 -3.15 -2.36 1.64
C PHE A 18 -3.89 -1.05 1.85
N THR A 19 -4.54 -0.58 0.79
CA THR A 19 -5.29 0.65 0.77
C THR A 19 -6.38 0.67 1.85
N SER A 20 -6.94 -0.49 2.23
CA SER A 20 -7.90 -0.55 3.32
C SER A 20 -7.21 -0.59 4.69
N LEU A 21 -5.99 -1.12 4.74
CA LEU A 21 -5.21 -1.18 5.98
C LEU A 21 -4.47 0.13 6.25
N THR A 22 -4.30 0.98 5.23
CA THR A 22 -3.57 2.24 5.36
C THR A 22 -4.44 3.43 5.01
N LYS A 23 -5.69 3.17 4.64
CA LYS A 23 -6.69 4.22 4.51
C LYS A 23 -6.34 5.23 3.41
N CYS A 24 -5.34 4.91 2.58
CA CYS A 24 -4.91 5.78 1.49
C CYS A 24 -5.73 5.52 0.22
N ASP A 25 -5.29 6.10 -0.90
CA ASP A 25 -5.91 5.88 -2.20
C ASP A 25 -5.27 4.67 -2.87
N PRO A 26 -6.03 3.86 -3.63
CA PRO A 26 -5.53 2.65 -4.28
C PRO A 26 -4.30 2.87 -5.15
N LYS A 27 -4.08 4.09 -5.64
CA LYS A 27 -2.94 4.40 -6.50
C LYS A 27 -1.70 4.67 -5.66
N VAL A 28 -1.88 4.94 -4.37
CA VAL A 28 -0.77 5.13 -3.46
C VAL A 28 -0.26 3.76 -3.02
N SER A 29 -1.16 2.79 -2.84
CA SER A 29 -0.74 1.43 -2.54
C SER A 29 0.13 0.93 -3.70
N ARG A 30 -0.37 1.11 -4.92
CA ARG A 30 0.32 0.78 -6.16
C ARG A 30 1.73 1.35 -6.14
N LYS A 31 1.87 2.66 -5.98
CA LYS A 31 3.17 3.32 -6.04
C LYS A 31 4.12 2.92 -4.91
N TYR A 32 3.63 2.28 -3.84
CA TYR A 32 4.51 1.79 -2.78
C TYR A 32 4.71 0.29 -2.91
N LEU A 33 3.83 -0.37 -3.66
CA LEU A 33 3.99 -1.78 -3.98
C LEU A 33 5.05 -1.93 -5.06
N GLN A 34 5.12 -0.96 -5.98
CA GLN A 34 6.12 -0.96 -7.04
C GLN A 34 7.53 -0.75 -6.49
N ARG A 35 7.63 -0.27 -5.24
CA ARG A 35 8.89 -0.04 -4.56
C ARG A 35 9.38 -1.29 -3.85
N ASN A 36 8.53 -2.32 -3.75
CA ASN A 36 8.80 -3.51 -2.97
C ASN A 36 8.31 -4.77 -3.67
N HIS A 37 8.40 -4.79 -5.01
CA HIS A 37 8.01 -5.94 -5.83
C HIS A 37 6.65 -6.51 -5.41
N TRP A 38 5.72 -5.59 -5.11
CA TRP A 38 4.34 -5.88 -4.70
C TRP A 38 4.26 -6.87 -3.54
N ASN A 39 5.21 -6.77 -2.60
CA ASN A 39 5.17 -7.54 -1.38
C ASN A 39 4.45 -6.66 -0.35
N ILE A 40 3.34 -7.13 0.19
CA ILE A 40 2.53 -6.25 1.01
C ILE A 40 3.17 -6.00 2.38
N ASN A 41 4.10 -6.85 2.81
CA ASN A 41 4.69 -6.71 4.13
C ASN A 41 5.83 -5.72 4.04
N TYR A 42 6.61 -5.83 2.98
CA TYR A 42 7.72 -4.95 2.70
C TYR A 42 7.21 -3.56 2.32
N ALA A 43 6.10 -3.52 1.57
CA ALA A 43 5.51 -2.27 1.12
C ALA A 43 4.83 -1.53 2.27
N LEU A 44 4.37 -2.25 3.30
CA LEU A 44 3.74 -1.60 4.44
C LEU A 44 4.80 -0.97 5.34
N ASN A 45 5.99 -1.58 5.44
CA ASN A 45 7.06 -1.01 6.25
C ASN A 45 7.62 0.23 5.57
N ASP A 46 7.68 0.22 4.24
CA ASP A 46 8.18 1.37 3.48
C ASP A 46 7.18 2.52 3.57
N TYR A 47 5.88 2.24 3.55
CA TYR A 47 4.86 3.25 3.70
C TYR A 47 4.84 3.83 5.11
N TYR A 48 4.97 2.98 6.13
CA TYR A 48 5.03 3.43 7.50
C TYR A 48 6.35 4.15 7.77
N ASP A 49 7.28 4.06 6.83
CA ASP A 49 8.55 4.78 6.90
C ASP A 49 8.43 6.16 6.25
N LYS A 50 7.31 6.43 5.59
CA LYS A 50 7.13 7.64 4.78
C LYS A 50 6.05 8.57 5.31
N GLU A 51 5.24 8.14 6.27
CA GLU A 51 4.19 8.97 6.84
C GLU A 51 4.77 10.16 7.60
N ILE A 52 6.03 10.08 8.02
CA ILE A 52 6.69 11.13 8.78
C ILE A 52 7.03 12.31 7.86
N GLY A 53 7.06 12.08 6.55
CA GLY A 53 7.37 13.12 5.58
C GLY A 53 6.17 13.99 5.25
N THR A 54 5.00 13.66 5.81
CA THR A 54 3.76 14.39 5.56
C THR A 54 2.90 14.43 6.82
N PHE A 55 3.55 14.33 7.98
CA PHE A 55 2.87 14.22 9.26
C PHE A 55 2.38 15.56 9.76
N THR A 56 3.18 16.62 9.55
CA THR A 56 2.83 17.98 9.91
C THR A 56 2.55 18.79 8.66
N ASP A 57 2.22 18.09 7.58
CA ASP A 57 1.92 18.68 6.28
C ASP A 57 0.44 18.65 5.97
N GLU A 58 -0.31 18.15 6.94
CA GLU A 58 -1.76 18.03 6.89
C GLU A 58 -2.44 19.10 7.72
N VAL A 59 -1.65 20.12 8.09
CA VAL A 59 -2.07 21.24 8.91
C VAL A 59 -1.39 22.53 8.45
N ILE A 3 -13.01 -2.83 -14.26
CA ILE A 3 -12.42 -3.44 -13.08
C ILE A 3 -13.40 -3.34 -11.92
N LYS A 4 -14.17 -4.41 -11.74
CA LYS A 4 -15.02 -4.58 -10.59
C LYS A 4 -14.14 -4.64 -9.35
N ARG A 5 -14.35 -3.72 -8.40
CA ARG A 5 -13.53 -3.58 -7.20
C ARG A 5 -13.94 -4.57 -6.12
N LYS A 6 -14.32 -5.78 -6.53
CA LYS A 6 -14.89 -6.80 -5.67
C LYS A 6 -14.48 -8.20 -6.10
N ASP A 7 -13.33 -8.29 -6.78
CA ASP A 7 -12.87 -9.53 -7.38
C ASP A 7 -11.47 -9.93 -6.89
N ALA A 8 -10.75 -8.96 -6.30
CA ALA A 8 -9.41 -9.17 -5.80
C ALA A 8 -8.49 -9.76 -6.86
N SER A 9 -8.38 -9.00 -7.94
CA SER A 9 -7.42 -9.18 -9.03
C SER A 9 -5.99 -9.30 -8.47
N PRO A 10 -5.02 -9.46 -9.36
CA PRO A 10 -3.61 -9.73 -9.05
C PRO A 10 -2.95 -8.56 -8.34
N GLU A 11 -3.46 -7.36 -8.64
CA GLU A 11 -3.00 -6.14 -8.01
C GLU A 11 -3.90 -5.79 -6.84
N GLN A 12 -5.17 -6.16 -6.95
CA GLN A 12 -6.17 -5.82 -5.96
C GLN A 12 -6.04 -6.72 -4.73
N GLU A 13 -5.25 -7.79 -4.82
CA GLU A 13 -5.07 -8.68 -3.69
C GLU A 13 -4.02 -8.10 -2.76
N ALA A 14 -3.26 -7.11 -3.27
CA ALA A 14 -2.37 -6.33 -2.45
C ALA A 14 -2.95 -4.93 -2.25
N ILE A 15 -3.37 -4.27 -3.32
CA ILE A 15 -3.86 -2.89 -3.25
C ILE A 15 -5.08 -2.78 -2.35
N GLU A 16 -6.10 -3.62 -2.53
CA GLU A 16 -7.29 -3.43 -1.73
C GLU A 16 -7.05 -3.86 -0.28
N SER A 17 -6.03 -4.68 -0.05
CA SER A 17 -5.73 -5.15 1.28
C SER A 17 -4.89 -4.10 1.98
N PHE A 18 -4.11 -3.37 1.18
CA PHE A 18 -3.19 -2.37 1.64
C PHE A 18 -3.92 -1.06 1.87
N THR A 19 -4.53 -0.56 0.80
CA THR A 19 -5.31 0.66 0.82
C THR A 19 -6.43 0.64 1.87
N SER A 20 -6.97 -0.53 2.21
CA SER A 20 -7.96 -0.63 3.27
C SER A 20 -7.31 -0.72 4.65
N LEU A 21 -6.11 -1.28 4.74
CA LEU A 21 -5.38 -1.38 6.00
C LEU A 21 -4.66 -0.07 6.32
N THR A 22 -4.51 0.82 5.33
CA THR A 22 -3.78 2.08 5.49
C THR A 22 -4.66 3.27 5.19
N LYS A 23 -5.92 3.02 4.80
CA LYS A 23 -6.93 4.06 4.70
C LYS A 23 -6.57 5.11 3.64
N CYS A 24 -5.53 4.84 2.85
CA CYS A 24 -5.06 5.75 1.80
C CYS A 24 -5.76 5.48 0.47
N ASP A 25 -5.18 6.01 -0.62
CA ASP A 25 -5.70 5.86 -1.96
C ASP A 25 -5.09 4.62 -2.63
N PRO A 26 -5.84 3.89 -3.48
CA PRO A 26 -5.33 2.72 -4.19
C PRO A 26 -4.07 3.00 -5.00
N LYS A 27 -3.83 4.26 -5.36
CA LYS A 27 -2.67 4.64 -6.16
C LYS A 27 -1.40 4.70 -5.36
N VAL A 28 -1.50 5.04 -4.07
CA VAL A 28 -0.30 5.13 -3.26
C VAL A 28 0.08 3.74 -2.74
N SER A 29 -0.90 2.84 -2.60
CA SER A 29 -0.59 1.44 -2.35
C SER A 29 0.22 0.92 -3.52
N ARG A 30 -0.30 1.14 -4.73
CA ARG A 30 0.33 0.78 -6.00
C ARG A 30 1.75 1.31 -6.06
N LYS A 31 1.94 2.63 -5.94
CA LYS A 31 3.26 3.21 -6.07
C LYS A 31 4.26 2.75 -5.00
N TYR A 32 3.79 2.18 -3.88
CA TYR A 32 4.70 1.68 -2.85
C TYR A 32 4.84 0.17 -2.96
N LEU A 33 3.91 -0.48 -3.66
CA LEU A 33 4.02 -1.88 -3.97
C LEU A 33 5.05 -2.06 -5.08
N GLN A 34 5.12 -1.09 -6.01
CA GLN A 34 6.08 -1.11 -7.10
C GLN A 34 7.51 -0.94 -6.60
N ARG A 35 7.66 -0.49 -5.34
CA ARG A 35 8.96 -0.27 -4.70
C ARG A 35 9.44 -1.52 -3.99
N ASN A 36 8.58 -2.54 -3.86
CA ASN A 36 8.86 -3.72 -3.05
C ASN A 36 8.36 -4.99 -3.73
N HIS A 37 8.42 -5.02 -5.08
CA HIS A 37 7.99 -6.16 -5.90
C HIS A 37 6.60 -6.65 -5.51
N TRP A 38 5.73 -5.70 -5.13
CA TRP A 38 4.37 -5.94 -4.68
C TRP A 38 4.30 -6.91 -3.50
N ASN A 39 5.26 -6.80 -2.58
CA ASN A 39 5.23 -7.53 -1.33
C ASN A 39 4.48 -6.65 -0.34
N ILE A 40 3.37 -7.12 0.21
CA ILE A 40 2.55 -6.22 0.99
C ILE A 40 3.17 -5.93 2.36
N ASN A 41 4.12 -6.76 2.82
CA ASN A 41 4.69 -6.60 4.15
C ASN A 41 5.81 -5.58 4.06
N TYR A 42 6.60 -5.69 2.99
CA TYR A 42 7.70 -4.81 2.72
C TYR A 42 7.17 -3.43 2.32
N ALA A 43 6.08 -3.41 1.56
CA ALA A 43 5.48 -2.18 1.08
C ALA A 43 4.77 -1.43 2.20
N LEU A 44 4.31 -2.14 3.25
CA LEU A 44 3.66 -1.50 4.37
C LEU A 44 4.69 -0.84 5.27
N ASN A 45 5.88 -1.45 5.42
CA ASN A 45 6.93 -0.85 6.22
C ASN A 45 7.50 0.38 5.52
N ASP A 46 7.60 0.33 4.18
CA ASP A 46 8.13 1.45 3.42
C ASP A 46 7.15 2.61 3.44
N TYR A 47 5.84 2.35 3.34
CA TYR A 47 4.84 3.40 3.41
C TYR A 47 4.75 3.98 4.81
N TYR A 48 4.82 3.12 5.85
CA TYR A 48 4.83 3.57 7.23
C TYR A 48 6.15 4.29 7.56
N ASP A 49 7.11 4.24 6.63
CA ASP A 49 8.38 4.95 6.77
C ASP A 49 8.30 6.32 6.10
N LYS A 50 7.21 6.59 5.39
CA LYS A 50 7.07 7.79 4.57
C LYS A 50 5.91 8.67 5.01
N GLU A 51 4.81 8.08 5.49
CA GLU A 51 3.62 8.84 5.85
C GLU A 51 3.76 9.55 7.20
N ILE A 52 4.80 9.18 7.96
CA ILE A 52 5.15 9.88 9.19
C ILE A 52 5.61 11.30 8.87
N GLY A 53 6.00 11.54 7.61
CA GLY A 53 6.50 12.84 7.17
C GLY A 53 5.37 13.86 6.94
N THR A 54 4.12 13.42 7.06
CA THR A 54 2.95 14.28 6.87
C THR A 54 1.87 13.91 7.90
N PHE A 55 2.32 13.38 9.04
CA PHE A 55 1.44 12.90 10.08
C PHE A 55 0.86 14.04 10.90
N THR A 56 1.58 15.15 10.97
CA THR A 56 1.15 16.34 11.68
C THR A 56 0.21 17.17 10.83
N ASP A 57 -0.45 16.49 9.90
CA ASP A 57 -1.44 17.10 9.01
C ASP A 57 -2.82 16.52 9.28
N GLU A 58 -2.87 15.68 10.31
CA GLU A 58 -4.07 15.01 10.76
C GLU A 58 -4.73 15.77 11.91
N VAL A 59 -4.27 17.00 12.11
CA VAL A 59 -4.72 17.91 13.15
C VAL A 59 -4.70 19.35 12.65
N ILE A 3 -14.13 -0.84 -12.09
CA ILE A 3 -13.41 -2.10 -12.22
C ILE A 3 -13.27 -2.77 -10.86
N LYS A 4 -14.31 -2.60 -10.02
CA LYS A 4 -14.38 -3.14 -8.68
C LYS A 4 -15.38 -4.29 -8.64
N ARG A 5 -15.20 -5.23 -9.58
CA ARG A 5 -16.05 -6.37 -9.79
C ARG A 5 -15.93 -7.43 -8.69
N LYS A 6 -15.51 -7.00 -7.49
CA LYS A 6 -15.30 -7.85 -6.33
C LYS A 6 -14.61 -9.16 -6.69
N ASP A 7 -13.51 -9.09 -7.45
CA ASP A 7 -12.84 -10.26 -7.96
C ASP A 7 -11.46 -10.45 -7.35
N ALA A 8 -10.90 -9.36 -6.80
CA ALA A 8 -9.60 -9.33 -6.17
C ALA A 8 -8.54 -9.88 -7.11
N SER A 9 -8.33 -9.10 -8.17
CA SER A 9 -7.30 -9.27 -9.18
C SER A 9 -5.91 -9.39 -8.54
N PRO A 10 -4.89 -9.56 -9.38
CA PRO A 10 -3.51 -9.83 -8.97
C PRO A 10 -2.89 -8.63 -8.27
N GLU A 11 -3.38 -7.45 -8.63
CA GLU A 11 -2.96 -6.20 -8.03
C GLU A 11 -3.89 -5.85 -6.89
N GLN A 12 -5.15 -6.23 -7.01
CA GLN A 12 -6.18 -5.90 -6.03
C GLN A 12 -6.06 -6.76 -4.78
N GLU A 13 -5.28 -7.84 -4.85
CA GLU A 13 -5.11 -8.72 -3.69
C GLU A 13 -4.05 -8.13 -2.78
N ALA A 14 -3.32 -7.14 -3.29
CA ALA A 14 -2.41 -6.36 -2.47
C ALA A 14 -2.96 -4.96 -2.28
N ILE A 15 -3.35 -4.30 -3.37
CA ILE A 15 -3.84 -2.94 -3.32
C ILE A 15 -5.04 -2.80 -2.42
N GLU A 16 -6.06 -3.65 -2.54
CA GLU A 16 -7.25 -3.44 -1.74
C GLU A 16 -7.00 -3.82 -0.29
N SER A 17 -5.99 -4.66 -0.04
CA SER A 17 -5.66 -5.08 1.31
C SER A 17 -4.82 -4.00 1.97
N PHE A 18 -4.03 -3.33 1.12
CA PHE A 18 -3.07 -2.33 1.54
C PHE A 18 -3.79 -1.01 1.73
N THR A 19 -4.45 -0.56 0.68
CA THR A 19 -5.21 0.67 0.69
C THR A 19 -6.30 0.67 1.77
N SER A 20 -6.83 -0.50 2.16
CA SER A 20 -7.79 -0.59 3.24
C SER A 20 -7.10 -0.59 4.61
N LEU A 21 -5.86 -1.06 4.68
CA LEU A 21 -5.10 -1.09 5.91
C LEU A 21 -4.34 0.21 6.15
N THR A 22 -4.14 1.00 5.08
CA THR A 22 -3.41 2.27 5.15
C THR A 22 -4.35 3.43 4.93
N LYS A 23 -5.63 3.14 4.66
CA LYS A 23 -6.68 4.15 4.66
C LYS A 23 -6.43 5.23 3.60
N CYS A 24 -5.48 4.97 2.70
CA CYS A 24 -5.10 5.87 1.63
C CYS A 24 -5.89 5.52 0.35
N ASP A 25 -5.45 6.03 -0.79
CA ASP A 25 -6.10 5.78 -2.07
C ASP A 25 -5.40 4.64 -2.81
N PRO A 26 -6.13 3.80 -3.56
CA PRO A 26 -5.57 2.70 -4.33
C PRO A 26 -4.45 3.10 -5.29
N LYS A 27 -4.31 4.39 -5.63
CA LYS A 27 -3.25 4.85 -6.50
C LYS A 27 -1.95 5.09 -5.74
N VAL A 28 -2.00 5.05 -4.41
CA VAL A 28 -0.81 5.20 -3.58
C VAL A 28 -0.30 3.82 -3.18
N SER A 29 -1.21 2.87 -2.92
CA SER A 29 -0.80 1.51 -2.58
C SER A 29 0.15 0.99 -3.64
N ARG A 30 -0.28 1.09 -4.90
CA ARG A 30 0.44 0.58 -6.05
C ARG A 30 1.80 1.24 -6.15
N LYS A 31 1.95 2.52 -5.82
CA LYS A 31 3.24 3.18 -5.95
C LYS A 31 4.19 2.81 -4.83
N TYR A 32 3.72 2.17 -3.75
CA TYR A 32 4.61 1.65 -2.71
C TYR A 32 4.77 0.14 -2.88
N LEU A 33 3.84 -0.49 -3.59
CA LEU A 33 3.95 -1.91 -3.90
C LEU A 33 4.96 -2.07 -5.02
N GLN A 34 4.98 -1.14 -5.97
CA GLN A 34 5.91 -1.16 -7.10
C GLN A 34 7.35 -0.91 -6.64
N ARG A 35 7.51 -0.47 -5.38
CA ARG A 35 8.82 -0.22 -4.78
C ARG A 35 9.35 -1.46 -4.07
N ASN A 36 8.49 -2.48 -3.92
CA ASN A 36 8.81 -3.65 -3.11
C ASN A 36 8.31 -4.94 -3.75
N HIS A 37 8.26 -4.98 -5.09
CA HIS A 37 7.82 -6.15 -5.86
C HIS A 37 6.44 -6.65 -5.42
N TRP A 38 5.59 -5.73 -4.98
CA TRP A 38 4.25 -6.00 -4.50
C TRP A 38 4.24 -6.96 -3.31
N ASN A 39 5.28 -6.90 -2.47
CA ASN A 39 5.32 -7.62 -1.22
C ASN A 39 4.60 -6.75 -0.22
N ILE A 40 3.45 -7.19 0.28
CA ILE A 40 2.63 -6.29 1.07
C ILE A 40 3.26 -6.01 2.43
N ASN A 41 4.21 -6.83 2.87
CA ASN A 41 4.81 -6.67 4.19
C ASN A 41 5.93 -5.64 4.08
N TYR A 42 6.71 -5.76 3.01
CA TYR A 42 7.81 -4.87 2.72
C TYR A 42 7.27 -3.49 2.37
N ALA A 43 6.17 -3.46 1.59
CA ALA A 43 5.57 -2.23 1.13
C ALA A 43 4.87 -1.48 2.27
N LEU A 44 4.40 -2.19 3.29
CA LEU A 44 3.76 -1.54 4.43
C LEU A 44 4.81 -0.87 5.30
N ASN A 45 6.00 -1.48 5.43
CA ASN A 45 7.08 -0.88 6.20
C ASN A 45 7.64 0.33 5.45
N ASP A 46 7.58 0.29 4.11
CA ASP A 46 8.10 1.36 3.27
C ASP A 46 7.14 2.55 3.22
N TYR A 47 5.88 2.33 3.60
CA TYR A 47 4.87 3.35 3.78
C TYR A 47 4.85 3.87 5.21
N TYR A 48 5.03 2.98 6.19
CA TYR A 48 5.16 3.40 7.58
C TYR A 48 6.45 4.19 7.77
N ASP A 49 7.36 4.13 6.79
CA ASP A 49 8.62 4.86 6.84
C ASP A 49 8.41 6.32 6.46
N LYS A 50 7.26 6.62 5.86
CA LYS A 50 6.89 7.97 5.46
C LYS A 50 5.92 8.58 6.48
N GLU A 51 5.16 7.71 7.16
CA GLU A 51 4.19 8.10 8.16
C GLU A 51 4.89 8.42 9.49
N ILE A 52 5.95 7.67 9.80
CA ILE A 52 6.75 7.89 10.99
C ILE A 52 8.01 8.70 10.65
N GLY A 53 8.46 8.63 9.39
CA GLY A 53 9.58 9.41 8.88
C GLY A 53 10.95 8.93 9.36
N THR A 54 11.00 7.94 10.25
CA THR A 54 12.25 7.44 10.80
C THR A 54 12.16 5.96 11.15
N PHE A 55 11.38 5.19 10.38
CA PHE A 55 11.08 3.80 10.70
C PHE A 55 12.16 2.84 10.22
N THR A 56 12.61 3.01 8.97
CA THR A 56 13.64 2.19 8.36
C THR A 56 14.38 2.98 7.30
N ASP A 57 14.44 4.30 7.50
CA ASP A 57 15.11 5.24 6.62
C ASP A 57 16.62 5.08 6.60
N GLU A 58 17.08 4.12 7.39
CA GLU A 58 18.48 3.76 7.51
C GLU A 58 18.88 2.70 6.48
N VAL A 59 18.01 2.52 5.49
CA VAL A 59 18.17 1.56 4.41
C VAL A 59 17.87 2.23 3.08
N ILE A 3 -16.36 -2.88 -11.30
CA ILE A 3 -15.41 -3.93 -11.65
C ILE A 3 -14.83 -4.55 -10.37
N LYS A 4 -15.62 -4.51 -9.30
CA LYS A 4 -15.30 -5.03 -7.99
C LYS A 4 -16.06 -6.32 -7.75
N ARG A 5 -15.95 -7.24 -8.72
CA ARG A 5 -16.64 -8.51 -8.76
C ARG A 5 -16.14 -9.52 -7.73
N LYS A 6 -15.62 -9.00 -6.60
CA LYS A 6 -15.08 -9.79 -5.50
C LYS A 6 -14.16 -10.91 -6.00
N ASP A 7 -13.28 -10.56 -6.95
CA ASP A 7 -12.39 -11.52 -7.60
C ASP A 7 -10.95 -11.34 -7.14
N ALA A 8 -10.69 -10.20 -6.51
CA ALA A 8 -9.40 -9.81 -5.99
C ALA A 8 -8.26 -10.12 -6.98
N SER A 9 -8.18 -9.24 -7.99
CA SER A 9 -7.12 -9.16 -9.00
C SER A 9 -5.72 -9.40 -8.42
N PRO A 10 -4.74 -9.68 -9.29
CA PRO A 10 -3.36 -9.96 -8.91
C PRO A 10 -2.77 -8.74 -8.22
N GLU A 11 -3.35 -7.59 -8.57
CA GLU A 11 -3.01 -6.31 -7.99
C GLU A 11 -3.90 -6.03 -6.81
N GLN A 12 -5.20 -6.27 -6.95
CA GLN A 12 -6.19 -5.95 -5.93
C GLN A 12 -6.06 -6.85 -4.71
N GLU A 13 -5.30 -7.94 -4.82
CA GLU A 13 -5.11 -8.82 -3.68
C GLU A 13 -4.06 -8.26 -2.75
N ALA A 14 -3.31 -7.26 -3.24
CA ALA A 14 -2.39 -6.51 -2.40
C ALA A 14 -2.90 -5.07 -2.24
N ILE A 15 -3.29 -4.42 -3.33
CA ILE A 15 -3.76 -3.05 -3.30
C ILE A 15 -4.96 -2.90 -2.38
N GLU A 16 -6.00 -3.71 -2.54
CA GLU A 16 -7.19 -3.47 -1.73
C GLU A 16 -6.95 -3.87 -0.29
N SER A 17 -5.97 -4.73 -0.04
CA SER A 17 -5.68 -5.17 1.32
C SER A 17 -4.83 -4.10 1.97
N PHE A 18 -3.99 -3.48 1.15
CA PHE A 18 -3.06 -2.47 1.57
C PHE A 18 -3.76 -1.13 1.76
N THR A 19 -4.35 -0.62 0.67
CA THR A 19 -5.08 0.63 0.66
C THR A 19 -6.18 0.69 1.72
N SER A 20 -6.75 -0.45 2.13
CA SER A 20 -7.73 -0.48 3.20
C SER A 20 -7.05 -0.53 4.56
N LEU A 21 -5.84 -1.09 4.64
CA LEU A 21 -5.08 -1.17 5.89
C LEU A 21 -4.28 0.13 6.13
N THR A 22 -4.11 0.95 5.10
CA THR A 22 -3.36 2.20 5.19
C THR A 22 -4.23 3.40 4.87
N LYS A 23 -5.50 3.14 4.53
CA LYS A 23 -6.51 4.18 4.42
C LYS A 23 -6.18 5.19 3.32
N CYS A 24 -5.20 4.87 2.47
CA CYS A 24 -4.77 5.73 1.38
C CYS A 24 -5.63 5.50 0.14
N ASP A 25 -5.29 6.21 -0.95
CA ASP A 25 -5.96 6.06 -2.22
C ASP A 25 -5.40 4.83 -2.95
N PRO A 26 -6.22 4.09 -3.73
CA PRO A 26 -5.80 2.90 -4.44
C PRO A 26 -4.64 3.10 -5.42
N LYS A 27 -4.23 4.34 -5.66
CA LYS A 27 -3.10 4.63 -6.54
C LYS A 27 -1.84 4.94 -5.74
N VAL A 28 -1.99 5.13 -4.43
CA VAL A 28 -0.85 5.35 -3.54
C VAL A 28 -0.36 4.00 -3.02
N SER A 29 -1.28 3.08 -2.75
CA SER A 29 -0.93 1.73 -2.36
C SER A 29 0.02 1.15 -3.39
N ARG A 30 -0.41 1.27 -4.64
CA ARG A 30 0.26 0.88 -5.86
C ARG A 30 1.67 1.42 -5.92
N LYS A 31 1.86 2.74 -5.76
CA LYS A 31 3.19 3.31 -5.86
C LYS A 31 4.10 2.89 -4.70
N TYR A 32 3.56 2.29 -3.64
CA TYR A 32 4.35 1.73 -2.55
C TYR A 32 4.44 0.22 -2.66
N LEU A 33 3.67 -0.37 -3.57
CA LEU A 33 3.79 -1.79 -3.89
C LEU A 33 4.86 -1.97 -4.96
N GLN A 34 4.92 -1.04 -5.92
CA GLN A 34 5.90 -1.06 -6.99
C GLN A 34 7.34 -0.89 -6.48
N ARG A 35 7.51 -0.49 -5.22
CA ARG A 35 8.82 -0.25 -4.62
C ARG A 35 9.47 -1.52 -4.10
N ASN A 36 8.66 -2.59 -3.96
CA ASN A 36 9.10 -3.83 -3.35
C ASN A 36 8.42 -5.03 -4.02
N HIS A 37 8.32 -5.00 -5.36
CA HIS A 37 7.77 -6.08 -6.17
C HIS A 37 6.40 -6.54 -5.68
N TRP A 38 5.57 -5.59 -5.23
CA TRP A 38 4.23 -5.82 -4.72
C TRP A 38 4.21 -6.79 -3.54
N ASN A 39 5.13 -6.59 -2.59
CA ASN A 39 5.18 -7.36 -1.37
C ASN A 39 4.47 -6.57 -0.29
N ILE A 40 3.33 -7.07 0.19
CA ILE A 40 2.52 -6.26 1.07
C ILE A 40 3.17 -6.02 2.43
N ASN A 41 4.17 -6.83 2.80
CA ASN A 41 4.80 -6.72 4.10
C ASN A 41 5.91 -5.68 4.04
N TYR A 42 6.68 -5.73 2.95
CA TYR A 42 7.75 -4.80 2.69
C TYR A 42 7.16 -3.41 2.43
N ALA A 43 6.05 -3.39 1.69
CA ALA A 43 5.36 -2.17 1.36
C ALA A 43 4.75 -1.51 2.60
N LEU A 44 4.34 -2.30 3.60
CA LEU A 44 3.78 -1.73 4.81
C LEU A 44 4.86 -1.09 5.66
N ASN A 45 6.09 -1.62 5.61
CA ASN A 45 7.19 -1.03 6.36
C ASN A 45 7.67 0.24 5.65
N ASP A 46 7.68 0.25 4.31
CA ASP A 46 8.15 1.41 3.58
C ASP A 46 7.14 2.55 3.69
N TYR A 47 5.85 2.26 3.63
CA TYR A 47 4.82 3.28 3.78
C TYR A 47 4.79 3.85 5.19
N TYR A 48 4.93 3.00 6.21
CA TYR A 48 5.00 3.47 7.59
C TYR A 48 6.32 4.18 7.85
N ASP A 49 7.25 4.10 6.89
CA ASP A 49 8.52 4.83 6.97
C ASP A 49 8.40 6.19 6.29
N LYS A 50 7.28 6.46 5.61
CA LYS A 50 7.10 7.65 4.79
C LYS A 50 6.00 8.57 5.30
N GLU A 51 5.26 8.16 6.32
CA GLU A 51 4.19 8.98 6.88
C GLU A 51 4.74 10.25 7.53
N ILE A 52 6.07 10.32 7.73
CA ILE A 52 6.74 11.48 8.30
C ILE A 52 6.72 12.62 7.29
N GLY A 53 6.48 12.31 6.02
CA GLY A 53 6.46 13.29 4.94
C GLY A 53 5.14 14.07 4.89
N THR A 54 4.18 13.69 5.74
CA THR A 54 2.89 14.36 5.83
C THR A 54 2.46 14.51 7.28
N PHE A 55 3.46 14.58 8.17
CA PHE A 55 3.26 14.62 9.60
C PHE A 55 2.85 16.00 10.07
N THR A 56 3.23 17.03 9.30
CA THR A 56 2.88 18.40 9.58
C THR A 56 1.47 18.72 9.14
N ASP A 57 0.65 17.66 9.10
CA ASP A 57 -0.77 17.75 8.75
C ASP A 57 -1.64 17.45 9.96
N GLU A 58 -0.96 17.23 11.09
CA GLU A 58 -1.55 16.95 12.37
C GLU A 58 -1.72 18.21 13.20
N VAL A 59 -1.55 19.35 12.53
CA VAL A 59 -1.63 20.68 13.12
C VAL A 59 -2.26 21.67 12.14
N ILE A 3 -5.98 -14.34 -12.18
CA ILE A 3 -6.59 -14.19 -10.86
C ILE A 3 -7.70 -13.13 -10.92
N LYS A 4 -8.48 -13.15 -11.99
CA LYS A 4 -9.57 -12.22 -12.22
C LYS A 4 -10.89 -12.84 -11.83
N ARG A 5 -10.91 -13.49 -10.66
CA ARG A 5 -12.05 -14.17 -10.10
C ARG A 5 -13.11 -13.20 -9.57
N LYS A 6 -13.16 -12.01 -10.17
CA LYS A 6 -14.09 -10.93 -9.83
C LYS A 6 -14.19 -10.69 -8.32
N ASP A 7 -13.07 -10.80 -7.61
CA ASP A 7 -13.06 -10.62 -6.16
C ASP A 7 -11.75 -10.03 -5.69
N ALA A 8 -10.64 -10.48 -6.25
CA ALA A 8 -9.36 -9.88 -5.91
C ALA A 8 -8.32 -10.15 -6.99
N SER A 9 -8.16 -9.14 -7.84
CA SER A 9 -7.15 -9.05 -8.88
C SER A 9 -5.75 -9.35 -8.34
N PRO A 10 -4.79 -9.60 -9.24
CA PRO A 10 -3.40 -9.87 -8.89
C PRO A 10 -2.79 -8.66 -8.21
N GLU A 11 -3.37 -7.51 -8.55
CA GLU A 11 -3.00 -6.23 -7.98
C GLU A 11 -3.86 -5.94 -6.76
N GLN A 12 -5.17 -6.15 -6.90
CA GLN A 12 -6.14 -5.82 -5.86
C GLN A 12 -5.99 -6.73 -4.64
N GLU A 13 -5.24 -7.83 -4.76
CA GLU A 13 -5.04 -8.71 -3.62
C GLU A 13 -3.97 -8.12 -2.71
N ALA A 14 -3.22 -7.13 -3.22
CA ALA A 14 -2.31 -6.37 -2.42
C ALA A 14 -2.82 -4.95 -2.23
N ILE A 15 -3.24 -4.30 -3.32
CA ILE A 15 -3.72 -2.93 -3.25
C ILE A 15 -4.92 -2.78 -2.35
N GLU A 16 -5.96 -3.60 -2.50
CA GLU A 16 -7.15 -3.37 -1.69
C GLU A 16 -6.91 -3.78 -0.25
N SER A 17 -5.90 -4.63 -0.01
CA SER A 17 -5.60 -5.08 1.34
C SER A 17 -4.76 -4.01 2.02
N PHE A 18 -3.95 -3.35 1.20
CA PHE A 18 -3.01 -2.35 1.65
C PHE A 18 -3.73 -1.03 1.85
N THR A 19 -4.36 -0.55 0.77
CA THR A 19 -5.09 0.69 0.75
C THR A 19 -6.21 0.75 1.80
N SER A 20 -6.78 -0.40 2.19
CA SER A 20 -7.74 -0.44 3.26
C SER A 20 -7.07 -0.48 4.64
N LEU A 21 -5.86 -1.03 4.70
CA LEU A 21 -5.10 -1.11 5.94
C LEU A 21 -4.33 0.19 6.20
N THR A 22 -4.19 1.05 5.20
CA THR A 22 -3.46 2.31 5.31
C THR A 22 -4.35 3.50 4.99
N LYS A 23 -5.61 3.23 4.64
CA LYS A 23 -6.62 4.26 4.51
C LYS A 23 -6.30 5.27 3.41
N CYS A 24 -5.31 4.97 2.57
CA CYS A 24 -4.93 5.82 1.46
C CYS A 24 -5.75 5.47 0.21
N ASP A 25 -5.39 6.07 -0.94
CA ASP A 25 -6.05 5.80 -2.20
C ASP A 25 -5.37 4.62 -2.90
N PRO A 26 -6.11 3.77 -3.62
CA PRO A 26 -5.57 2.60 -4.29
C PRO A 26 -4.37 2.89 -5.19
N LYS A 27 -4.22 4.12 -5.71
CA LYS A 27 -3.08 4.44 -6.54
C LYS A 27 -1.82 4.72 -5.72
N VAL A 28 -1.98 4.98 -4.42
CA VAL A 28 -0.85 5.23 -3.55
C VAL A 28 -0.29 3.89 -3.07
N SER A 29 -1.16 2.92 -2.84
CA SER A 29 -0.71 1.57 -2.53
C SER A 29 0.13 1.07 -3.69
N ARG A 30 -0.42 1.16 -4.90
CA ARG A 30 0.22 0.76 -6.14
C ARG A 30 1.63 1.33 -6.23
N LYS A 31 1.79 2.64 -6.10
CA LYS A 31 3.10 3.25 -6.27
C LYS A 31 4.11 2.84 -5.19
N TYR A 32 3.66 2.37 -4.03
CA TYR A 32 4.58 1.87 -3.01
C TYR A 32 4.82 0.38 -3.21
N LEU A 33 3.84 -0.31 -3.78
CA LEU A 33 3.94 -1.73 -4.04
C LEU A 33 4.97 -1.96 -5.15
N GLN A 34 5.03 -1.05 -6.13
CA GLN A 34 5.97 -1.15 -7.24
C GLN A 34 7.42 -1.00 -6.77
N ARG A 35 7.62 -0.49 -5.54
CA ARG A 35 8.96 -0.32 -4.98
C ARG A 35 9.38 -1.55 -4.19
N ASN A 36 8.45 -2.49 -4.00
CA ASN A 36 8.66 -3.67 -3.17
C ASN A 36 8.19 -4.94 -3.88
N HIS A 37 8.13 -4.92 -5.22
CA HIS A 37 7.67 -6.05 -6.02
C HIS A 37 6.29 -6.54 -5.57
N TRP A 38 5.47 -5.61 -5.09
CA TRP A 38 4.14 -5.87 -4.59
C TRP A 38 4.14 -6.84 -3.40
N ASN A 39 5.18 -6.75 -2.56
CA ASN A 39 5.24 -7.49 -1.33
C ASN A 39 4.56 -6.63 -0.29
N ILE A 40 3.38 -7.06 0.18
CA ILE A 40 2.60 -6.18 1.03
C ILE A 40 3.24 -5.99 2.41
N ASN A 41 4.18 -6.85 2.79
CA ASN A 41 4.79 -6.77 4.11
C ASN A 41 5.93 -5.76 4.05
N TYR A 42 6.70 -5.84 2.98
CA TYR A 42 7.81 -4.94 2.72
C TYR A 42 7.29 -3.54 2.43
N ALA A 43 6.19 -3.48 1.68
CA ALA A 43 5.60 -2.22 1.27
C ALA A 43 4.89 -1.51 2.42
N LEU A 44 4.41 -2.27 3.41
CA LEU A 44 3.75 -1.65 4.56
C LEU A 44 4.80 -1.02 5.47
N ASN A 45 5.98 -1.64 5.57
CA ASN A 45 7.05 -1.06 6.36
C ASN A 45 7.59 0.19 5.67
N ASP A 46 7.57 0.20 4.33
CA ASP A 46 8.06 1.35 3.58
C ASP A 46 7.12 2.53 3.71
N TYR A 47 5.81 2.28 3.78
CA TYR A 47 4.82 3.34 3.98
C TYR A 47 4.76 3.80 5.42
N TYR A 48 4.90 2.88 6.39
CA TYR A 48 5.00 3.27 7.79
C TYR A 48 6.26 4.09 8.01
N ASP A 49 7.18 4.06 7.04
CA ASP A 49 8.39 4.87 7.09
C ASP A 49 8.16 6.26 6.51
N LYS A 50 7.05 6.45 5.79
CA LYS A 50 6.74 7.71 5.12
C LYS A 50 5.86 8.57 6.01
N GLU A 51 5.09 7.94 6.90
CA GLU A 51 4.21 8.66 7.81
C GLU A 51 4.99 9.47 8.85
N ILE A 52 6.27 9.15 9.06
CA ILE A 52 7.10 9.82 10.05
C ILE A 52 7.80 11.03 9.42
N GLY A 53 7.86 11.09 8.08
CA GLY A 53 8.46 12.22 7.38
C GLY A 53 9.97 12.31 7.58
N THR A 54 10.61 11.21 7.98
CA THR A 54 12.02 11.20 8.36
C THR A 54 12.88 10.40 7.36
N PHE A 55 12.35 10.24 6.14
CA PHE A 55 12.96 9.38 5.15
C PHE A 55 14.41 9.79 4.85
N THR A 56 14.65 11.09 4.74
CA THR A 56 15.95 11.64 4.38
C THR A 56 16.85 11.84 5.59
N ASP A 57 16.71 10.97 6.59
CA ASP A 57 17.53 10.96 7.79
C ASP A 57 18.23 9.63 7.95
N GLU A 58 18.02 8.79 6.94
CA GLU A 58 18.58 7.46 6.84
C GLU A 58 19.76 7.41 5.90
N VAL A 59 20.25 8.60 5.56
CA VAL A 59 21.36 8.82 4.63
C VAL A 59 22.31 9.87 5.21
N ILE A 3 -6.70 -13.90 -15.28
CA ILE A 3 -8.05 -14.32 -14.96
C ILE A 3 -8.53 -13.52 -13.76
N LYS A 4 -9.03 -12.31 -14.02
CA LYS A 4 -9.63 -11.46 -13.02
C LYS A 4 -10.88 -12.15 -12.46
N ARG A 5 -10.97 -12.23 -11.12
CA ARG A 5 -12.06 -12.91 -10.45
C ARG A 5 -13.12 -11.94 -9.94
N LYS A 6 -13.11 -10.73 -10.51
CA LYS A 6 -14.03 -9.64 -10.19
C LYS A 6 -14.24 -9.43 -8.69
N ASP A 7 -13.19 -9.65 -7.90
CA ASP A 7 -13.29 -9.56 -6.45
C ASP A 7 -11.95 -9.20 -5.83
N ALA A 8 -10.86 -9.72 -6.40
CA ALA A 8 -9.53 -9.46 -5.90
C ALA A 8 -8.53 -9.95 -6.94
N SER A 9 -8.32 -9.10 -7.93
CA SER A 9 -7.36 -9.25 -9.00
C SER A 9 -5.94 -9.36 -8.45
N PRO A 10 -4.96 -9.50 -9.33
CA PRO A 10 -3.56 -9.74 -9.03
C PRO A 10 -2.92 -8.55 -8.33
N GLU A 11 -3.44 -7.37 -8.63
CA GLU A 11 -3.00 -6.13 -8.02
C GLU A 11 -3.88 -5.80 -6.84
N GLN A 12 -5.16 -6.15 -6.93
CA GLN A 12 -6.14 -5.83 -5.91
C GLN A 12 -5.97 -6.71 -4.68
N GLU A 13 -5.18 -7.78 -4.78
CA GLU A 13 -4.99 -8.67 -3.65
C GLU A 13 -3.92 -8.08 -2.74
N ALA A 14 -3.18 -7.10 -3.26
CA ALA A 14 -2.29 -6.31 -2.45
C ALA A 14 -2.88 -4.92 -2.25
N ILE A 15 -3.29 -4.25 -3.33
CA ILE A 15 -3.79 -2.89 -3.26
C ILE A 15 -4.99 -2.77 -2.34
N GLU A 16 -6.01 -3.61 -2.49
CA GLU A 16 -7.20 -3.41 -1.67
C GLU A 16 -6.95 -3.81 -0.23
N SER A 17 -5.93 -4.65 0.00
CA SER A 17 -5.61 -5.11 1.34
C SER A 17 -4.78 -4.03 2.01
N PHE A 18 -3.97 -3.36 1.19
CA PHE A 18 -3.03 -2.36 1.62
C PHE A 18 -3.75 -1.04 1.84
N THR A 19 -4.38 -0.56 0.78
CA THR A 19 -5.12 0.68 0.77
C THR A 19 -6.23 0.72 1.83
N SER A 20 -6.80 -0.43 2.21
CA SER A 20 -7.76 -0.49 3.28
C SER A 20 -7.08 -0.52 4.65
N LEU A 21 -5.86 -1.07 4.70
CA LEU A 21 -5.08 -1.12 5.94
C LEU A 21 -4.34 0.19 6.20
N THR A 22 -4.21 1.05 5.18
CA THR A 22 -3.50 2.32 5.31
C THR A 22 -4.43 3.49 5.03
N LYS A 23 -5.70 3.20 4.69
CA LYS A 23 -6.74 4.21 4.62
C LYS A 23 -6.45 5.25 3.53
N CYS A 24 -5.45 4.98 2.69
CA CYS A 24 -5.04 5.86 1.61
C CYS A 24 -5.76 5.50 0.31
N ASP A 25 -5.37 6.13 -0.80
CA ASP A 25 -5.97 5.88 -2.11
C ASP A 25 -5.30 4.67 -2.78
N PRO A 26 -6.06 3.85 -3.52
CA PRO A 26 -5.54 2.65 -4.17
C PRO A 26 -4.36 2.91 -5.10
N LYS A 27 -4.25 4.13 -5.65
CA LYS A 27 -3.16 4.48 -6.55
C LYS A 27 -1.88 4.77 -5.78
N VAL A 28 -1.98 4.96 -4.46
CA VAL A 28 -0.80 5.17 -3.62
C VAL A 28 -0.26 3.82 -3.17
N SER A 29 -1.14 2.86 -2.89
CA SER A 29 -0.70 1.52 -2.57
C SER A 29 0.12 0.97 -3.73
N ARG A 30 -0.44 1.12 -4.93
CA ARG A 30 0.18 0.75 -6.19
C ARG A 30 1.60 1.30 -6.28
N LYS A 31 1.79 2.60 -6.11
CA LYS A 31 3.09 3.22 -6.27
C LYS A 31 4.10 2.86 -5.17
N TYR A 32 3.66 2.27 -4.06
CA TYR A 32 4.58 1.82 -3.02
C TYR A 32 4.85 0.33 -3.19
N LEU A 33 3.89 -0.38 -3.78
CA LEU A 33 4.03 -1.80 -4.02
C LEU A 33 5.05 -2.02 -5.14
N GLN A 34 5.12 -1.10 -6.10
CA GLN A 34 6.04 -1.21 -7.21
C GLN A 34 7.49 -1.03 -6.77
N ARG A 35 7.69 -0.53 -5.54
CA ARG A 35 9.01 -0.33 -4.97
C ARG A 35 9.45 -1.53 -4.16
N ASN A 36 8.54 -2.49 -3.95
CA ASN A 36 8.75 -3.65 -3.12
C ASN A 36 8.28 -4.94 -3.79
N HIS A 37 8.24 -4.95 -5.14
CA HIS A 37 7.80 -6.11 -5.92
C HIS A 37 6.41 -6.60 -5.50
N TRP A 38 5.58 -5.67 -5.02
CA TRP A 38 4.24 -5.93 -4.53
C TRP A 38 4.22 -6.91 -3.35
N ASN A 39 5.27 -6.85 -2.51
CA ASN A 39 5.30 -7.59 -1.27
C ASN A 39 4.58 -6.72 -0.25
N ILE A 40 3.46 -7.18 0.28
CA ILE A 40 2.65 -6.29 1.08
C ILE A 40 3.28 -6.05 2.45
N ASN A 41 4.23 -6.88 2.87
CA ASN A 41 4.83 -6.75 4.19
C ASN A 41 5.95 -5.72 4.11
N TYR A 42 6.71 -5.80 3.02
CA TYR A 42 7.80 -4.89 2.74
C TYR A 42 7.26 -3.50 2.40
N ALA A 43 6.17 -3.47 1.63
CA ALA A 43 5.56 -2.24 1.17
C ALA A 43 4.85 -1.51 2.31
N LEU A 44 4.37 -2.25 3.33
CA LEU A 44 3.71 -1.61 4.46
C LEU A 44 4.74 -0.96 5.38
N ASN A 45 5.91 -1.59 5.53
CA ASN A 45 6.97 -1.00 6.33
C ASN A 45 7.54 0.22 5.62
N ASP A 46 7.53 0.22 4.29
CA ASP A 46 8.04 1.34 3.52
C ASP A 46 7.09 2.53 3.67
N TYR A 47 5.79 2.29 3.74
CA TYR A 47 4.81 3.34 3.94
C TYR A 47 4.76 3.82 5.38
N TYR A 48 4.92 2.91 6.35
CA TYR A 48 5.03 3.30 7.76
C TYR A 48 6.28 4.14 7.95
N ASP A 49 7.21 4.10 6.98
CA ASP A 49 8.41 4.91 7.02
C ASP A 49 8.18 6.30 6.43
N LYS A 50 7.07 6.48 5.70
CA LYS A 50 6.76 7.74 5.03
C LYS A 50 5.90 8.62 5.93
N GLU A 51 5.17 8.00 6.86
CA GLU A 51 4.32 8.72 7.79
C GLU A 51 5.15 9.56 8.76
N ILE A 52 6.47 9.33 8.82
CA ILE A 52 7.38 10.06 9.68
C ILE A 52 7.80 11.39 9.02
N GLY A 53 7.49 11.55 7.73
CA GLY A 53 7.87 12.71 6.95
C GLY A 53 7.15 14.00 7.35
N THR A 54 6.31 13.94 8.39
CA THR A 54 5.55 15.09 8.86
C THR A 54 6.22 15.77 10.05
N PHE A 55 7.53 15.57 10.19
CA PHE A 55 8.31 16.10 11.29
C PHE A 55 8.46 17.60 11.21
N THR A 56 8.34 18.13 10.01
CA THR A 56 8.56 19.53 9.73
C THR A 56 7.41 20.43 10.20
N ASP A 57 6.72 19.99 11.26
CA ASP A 57 5.60 20.71 11.86
C ASP A 57 5.95 21.16 13.27
N GLU A 58 7.18 20.86 13.66
CA GLU A 58 7.74 21.18 14.94
C GLU A 58 8.64 22.42 14.86
N VAL A 59 8.55 23.09 13.71
CA VAL A 59 9.33 24.27 13.36
C VAL A 59 8.43 25.38 12.83
N ILE A 3 -14.28 -5.81 -10.89
CA ILE A 3 -13.68 -6.25 -9.64
C ILE A 3 -14.66 -7.22 -8.98
N LYS A 4 -14.54 -8.50 -9.29
CA LYS A 4 -15.30 -9.54 -8.63
C LYS A 4 -14.70 -9.78 -7.25
N ARG A 5 -15.57 -9.83 -6.23
CA ARG A 5 -15.19 -9.98 -4.84
C ARG A 5 -14.89 -11.43 -4.48
N LYS A 6 -14.46 -12.19 -5.49
CA LYS A 6 -14.22 -13.61 -5.37
C LYS A 6 -13.04 -14.03 -6.25
N ASP A 7 -12.29 -13.04 -6.74
CA ASP A 7 -11.18 -13.26 -7.65
C ASP A 7 -10.19 -12.10 -7.60
N ALA A 8 -10.67 -10.89 -7.32
CA ALA A 8 -9.84 -9.72 -7.20
C ALA A 8 -8.99 -9.59 -8.44
N SER A 9 -7.72 -9.45 -8.17
CA SER A 9 -6.68 -9.19 -9.15
C SER A 9 -5.30 -9.43 -8.53
N PRO A 10 -4.26 -9.52 -9.37
CA PRO A 10 -2.89 -9.70 -8.94
C PRO A 10 -2.41 -8.46 -8.21
N GLU A 11 -3.05 -7.36 -8.57
CA GLU A 11 -2.81 -6.06 -8.00
C GLU A 11 -3.75 -5.83 -6.83
N GLN A 12 -5.03 -6.12 -7.03
CA GLN A 12 -6.07 -5.84 -6.04
C GLN A 12 -5.94 -6.76 -4.82
N GLU A 13 -5.11 -7.79 -4.90
CA GLU A 13 -4.93 -8.67 -3.75
C GLU A 13 -3.93 -8.03 -2.78
N ALA A 14 -3.24 -7.00 -3.26
CA ALA A 14 -2.40 -6.19 -2.42
C ALA A 14 -2.99 -4.80 -2.28
N ILE A 15 -3.33 -4.14 -3.38
CA ILE A 15 -3.87 -2.80 -3.35
C ILE A 15 -5.10 -2.69 -2.48
N GLU A 16 -6.07 -3.58 -2.63
CA GLU A 16 -7.29 -3.42 -1.85
C GLU A 16 -7.05 -3.79 -0.40
N SER A 17 -6.02 -4.61 -0.13
CA SER A 17 -5.70 -5.00 1.23
C SER A 17 -4.89 -3.88 1.87
N PHE A 18 -4.13 -3.16 1.03
CA PHE A 18 -3.22 -2.15 1.49
C PHE A 18 -3.98 -0.86 1.70
N THR A 19 -4.69 -0.45 0.66
CA THR A 19 -5.51 0.74 0.68
C THR A 19 -6.57 0.68 1.78
N SER A 20 -7.03 -0.51 2.17
CA SER A 20 -7.97 -0.66 3.26
C SER A 20 -7.28 -0.65 4.62
N LEU A 21 -6.01 -1.03 4.68
CA LEU A 21 -5.23 -1.06 5.91
C LEU A 21 -4.49 0.27 6.15
N THR A 22 -4.26 1.04 5.09
CA THR A 22 -3.55 2.32 5.19
C THR A 22 -4.50 3.48 4.97
N LYS A 23 -5.76 3.18 4.64
CA LYS A 23 -6.82 4.17 4.63
C LYS A 23 -6.57 5.26 3.59
N CYS A 24 -5.59 5.04 2.70
CA CYS A 24 -5.22 5.96 1.64
C CYS A 24 -5.88 5.54 0.32
N ASP A 25 -5.41 6.10 -0.80
CA ASP A 25 -5.92 5.77 -2.12
C ASP A 25 -5.25 4.51 -2.68
N PRO A 26 -5.94 3.76 -3.55
CA PRO A 26 -5.44 2.52 -4.11
C PRO A 26 -4.29 2.75 -5.07
N LYS A 27 -4.18 3.96 -5.64
CA LYS A 27 -3.07 4.30 -6.52
C LYS A 27 -1.82 4.63 -5.71
N VAL A 28 -1.97 4.87 -4.40
CA VAL A 28 -0.84 5.10 -3.53
C VAL A 28 -0.38 3.74 -2.99
N SER A 29 -1.32 2.82 -2.80
CA SER A 29 -0.95 1.46 -2.43
C SER A 29 -0.09 0.89 -3.56
N ARG A 30 -0.50 1.18 -4.79
CA ARG A 30 0.16 0.76 -6.01
C ARG A 30 1.52 1.40 -6.19
N LYS A 31 1.81 2.54 -5.56
CA LYS A 31 3.12 3.14 -5.75
C LYS A 31 4.05 2.83 -4.58
N TYR A 32 3.54 2.17 -3.53
CA TYR A 32 4.36 1.65 -2.45
C TYR A 32 4.46 0.14 -2.54
N LEU A 33 3.69 -0.46 -3.45
CA LEU A 33 3.82 -1.87 -3.76
C LEU A 33 4.85 -2.02 -4.88
N GLN A 34 4.86 -1.10 -5.84
CA GLN A 34 5.81 -1.12 -6.95
C GLN A 34 7.24 -0.85 -6.49
N ARG A 35 7.43 -0.51 -5.21
CA ARG A 35 8.76 -0.24 -4.66
C ARG A 35 9.43 -1.51 -4.17
N ASN A 36 8.66 -2.59 -4.02
CA ASN A 36 9.13 -3.83 -3.43
C ASN A 36 8.46 -5.06 -4.07
N HIS A 37 8.22 -5.02 -5.38
CA HIS A 37 7.65 -6.13 -6.13
C HIS A 37 6.30 -6.58 -5.59
N TRP A 38 5.50 -5.62 -5.11
CA TRP A 38 4.18 -5.84 -4.55
C TRP A 38 4.19 -6.81 -3.37
N ASN A 39 5.22 -6.70 -2.53
CA ASN A 39 5.31 -7.48 -1.31
C ASN A 39 4.60 -6.68 -0.23
N ILE A 40 3.46 -7.16 0.25
CA ILE A 40 2.65 -6.32 1.11
C ILE A 40 3.30 -6.10 2.48
N ASN A 41 4.31 -6.89 2.85
CA ASN A 41 4.93 -6.75 4.16
C ASN A 41 6.02 -5.69 4.05
N TYR A 42 6.76 -5.74 2.95
CA TYR A 42 7.81 -4.80 2.66
C TYR A 42 7.21 -3.42 2.38
N ALA A 43 6.11 -3.42 1.62
CA ALA A 43 5.39 -2.21 1.26
C ALA A 43 4.80 -1.52 2.48
N LEU A 44 4.36 -2.29 3.49
CA LEU A 44 3.78 -1.69 4.68
C LEU A 44 4.87 -1.04 5.54
N ASN A 45 6.08 -1.60 5.55
CA ASN A 45 7.16 -1.02 6.32
C ASN A 45 7.69 0.23 5.61
N ASP A 46 7.68 0.24 4.26
CA ASP A 46 8.17 1.38 3.51
C ASP A 46 7.17 2.54 3.62
N TYR A 47 5.87 2.25 3.54
CA TYR A 47 4.85 3.27 3.67
C TYR A 47 4.84 3.88 5.07
N TYR A 48 5.05 3.05 6.10
CA TYR A 48 5.16 3.54 7.46
C TYR A 48 6.52 4.23 7.67
N ASP A 49 7.44 4.08 6.71
CA ASP A 49 8.74 4.75 6.77
C ASP A 49 8.68 6.15 6.15
N LYS A 50 7.60 6.42 5.39
CA LYS A 50 7.40 7.68 4.71
C LYS A 50 6.35 8.54 5.42
N GLU A 51 5.47 7.89 6.19
CA GLU A 51 4.37 8.54 6.85
C GLU A 51 4.64 8.72 8.35
N ILE A 52 5.36 7.74 8.93
CA ILE A 52 5.81 7.74 10.33
C ILE A 52 4.65 7.83 11.33
N GLY A 53 3.45 7.91 10.79
CA GLY A 53 2.19 8.06 11.53
C GLY A 53 1.87 6.89 12.45
N THR A 54 2.77 5.90 12.54
CA THR A 54 2.58 4.73 13.41
C THR A 54 3.47 4.81 14.65
N PHE A 55 3.86 6.04 15.01
CA PHE A 55 4.76 6.30 16.11
C PHE A 55 4.16 5.96 17.46
N THR A 56 2.83 5.95 17.51
CA THR A 56 2.09 5.74 18.73
C THR A 56 2.10 4.29 19.22
N ASP A 57 3.19 3.58 18.92
CA ASP A 57 3.36 2.18 19.27
C ASP A 57 4.50 1.99 20.24
N GLU A 58 5.04 3.13 20.68
CA GLU A 58 6.12 3.22 21.62
C GLU A 58 5.61 3.33 23.05
N VAL A 59 4.32 3.05 23.21
CA VAL A 59 3.58 3.12 24.47
C VAL A 59 2.54 2.01 24.53
N ILE A 3 -8.19 -17.02 -11.36
CA ILE A 3 -9.54 -16.72 -10.93
C ILE A 3 -9.49 -15.50 -10.01
N LYS A 4 -9.70 -14.33 -10.61
CA LYS A 4 -9.69 -13.02 -9.97
C LYS A 4 -10.94 -12.76 -9.15
N ARG A 5 -11.77 -13.79 -9.13
CA ARG A 5 -13.11 -13.92 -8.60
C ARG A 5 -13.90 -12.61 -8.55
N LYS A 6 -13.65 -11.73 -9.52
CA LYS A 6 -14.28 -10.41 -9.63
C LYS A 6 -14.33 -9.69 -8.28
N ASP A 7 -13.27 -9.83 -7.48
CA ASP A 7 -13.26 -9.35 -6.10
C ASP A 7 -11.86 -9.02 -5.63
N ALA A 8 -10.85 -9.67 -6.21
CA ALA A 8 -9.49 -9.46 -5.79
C ALA A 8 -8.54 -9.99 -6.85
N SER A 9 -8.36 -9.15 -7.85
CA SER A 9 -7.42 -9.31 -8.95
C SER A 9 -5.99 -9.42 -8.42
N PRO A 10 -5.02 -9.56 -9.33
CA PRO A 10 -3.62 -9.80 -9.03
C PRO A 10 -2.98 -8.61 -8.33
N GLU A 11 -3.51 -7.42 -8.62
CA GLU A 11 -3.04 -6.19 -8.00
C GLU A 11 -3.93 -5.86 -6.82
N GLN A 12 -5.22 -6.18 -6.93
CA GLN A 12 -6.19 -5.86 -5.92
C GLN A 12 -6.03 -6.74 -4.69
N GLU A 13 -5.25 -7.82 -4.80
CA GLU A 13 -5.06 -8.71 -3.65
C GLU A 13 -4.00 -8.13 -2.74
N ALA A 14 -3.24 -7.15 -3.25
CA ALA A 14 -2.35 -6.37 -2.44
C ALA A 14 -2.93 -4.97 -2.23
N ILE A 15 -3.36 -4.32 -3.31
CA ILE A 15 -3.85 -2.95 -3.25
C ILE A 15 -5.04 -2.82 -2.34
N GLU A 16 -6.08 -3.63 -2.50
CA GLU A 16 -7.27 -3.42 -1.70
C GLU A 16 -7.04 -3.82 -0.25
N SER A 17 -6.02 -4.67 -0.02
CA SER A 17 -5.70 -5.14 1.32
C SER A 17 -4.83 -4.11 2.01
N PHE A 18 -4.07 -3.38 1.19
CA PHE A 18 -3.12 -2.39 1.63
C PHE A 18 -3.84 -1.08 1.84
N THR A 19 -4.46 -0.59 0.78
CA THR A 19 -5.20 0.65 0.76
C THR A 19 -6.31 0.67 1.82
N SER A 20 -6.83 -0.49 2.23
CA SER A 20 -7.78 -0.55 3.33
C SER A 20 -7.07 -0.48 4.68
N LEU A 21 -5.92 -1.14 4.76
CA LEU A 21 -5.12 -1.18 5.98
C LEU A 21 -4.33 0.12 6.20
N THR A 22 -4.25 0.98 5.18
CA THR A 22 -3.54 2.24 5.26
C THR A 22 -4.44 3.41 4.93
N LYS A 23 -5.71 3.14 4.62
CA LYS A 23 -6.72 4.17 4.49
C LYS A 23 -6.42 5.16 3.37
N CYS A 24 -5.44 4.84 2.53
CA CYS A 24 -5.03 5.71 1.42
C CYS A 24 -5.85 5.41 0.16
N ASP A 25 -5.46 6.02 -0.96
CA ASP A 25 -6.08 5.78 -2.25
C ASP A 25 -5.41 4.58 -2.92
N PRO A 26 -6.14 3.76 -3.69
CA PRO A 26 -5.61 2.56 -4.32
C PRO A 26 -4.40 2.82 -5.21
N LYS A 27 -4.24 4.07 -5.70
CA LYS A 27 -3.12 4.42 -6.57
C LYS A 27 -1.88 4.78 -5.76
N VAL A 28 -2.05 4.94 -4.46
CA VAL A 28 -0.91 5.18 -3.56
C VAL A 28 -0.36 3.83 -3.10
N SER A 29 -1.24 2.87 -2.86
CA SER A 29 -0.79 1.51 -2.52
C SER A 29 0.09 1.00 -3.65
N ARG A 30 -0.39 1.20 -4.89
CA ARG A 30 0.32 0.86 -6.11
C ARG A 30 1.74 1.40 -6.07
N LYS A 31 1.91 2.72 -5.91
CA LYS A 31 3.22 3.33 -5.96
C LYS A 31 4.16 2.91 -4.83
N TYR A 32 3.64 2.30 -3.76
CA TYR A 32 4.49 1.79 -2.68
C TYR A 32 4.69 0.29 -2.84
N LEU A 33 3.83 -0.36 -3.62
CA LEU A 33 3.97 -1.77 -3.93
C LEU A 33 5.04 -1.92 -5.00
N GLN A 34 5.11 -0.97 -5.95
CA GLN A 34 6.12 -0.98 -6.99
C GLN A 34 7.53 -0.81 -6.43
N ARG A 35 7.62 -0.35 -5.18
CA ARG A 35 8.89 -0.13 -4.49
C ARG A 35 9.39 -1.40 -3.81
N ASN A 36 8.54 -2.43 -3.74
CA ASN A 36 8.83 -3.63 -2.99
C ASN A 36 8.34 -4.89 -3.72
N HIS A 37 8.41 -4.87 -5.05
CA HIS A 37 7.98 -5.98 -5.91
C HIS A 37 6.59 -6.50 -5.54
N TRP A 38 5.71 -5.58 -5.13
CA TRP A 38 4.35 -5.85 -4.69
C TRP A 38 4.29 -6.84 -3.53
N ASN A 39 5.23 -6.73 -2.60
CA ASN A 39 5.22 -7.49 -1.36
C ASN A 39 4.48 -6.63 -0.36
N ILE A 40 3.36 -7.11 0.18
CA ILE A 40 2.54 -6.24 0.99
C ILE A 40 3.17 -5.99 2.37
N ASN A 41 4.11 -6.83 2.80
CA ASN A 41 4.69 -6.69 4.13
C ASN A 41 5.82 -5.68 4.07
N TYR A 42 6.61 -5.79 3.01
CA TYR A 42 7.71 -4.89 2.75
C TYR A 42 7.18 -3.51 2.40
N ALA A 43 6.09 -3.47 1.63
CA ALA A 43 5.48 -2.23 1.19
C ALA A 43 4.79 -1.50 2.34
N LEU A 44 4.34 -2.23 3.37
CA LEU A 44 3.72 -1.60 4.52
C LEU A 44 4.78 -0.97 5.42
N ASN A 45 5.97 -1.57 5.50
CA ASN A 45 7.03 -1.00 6.31
C ASN A 45 7.60 0.25 5.63
N ASP A 46 7.64 0.26 4.28
CA ASP A 46 8.13 1.41 3.54
C ASP A 46 7.14 2.57 3.64
N TYR A 47 5.84 2.27 3.57
CA TYR A 47 4.81 3.29 3.72
C TYR A 47 4.80 3.87 5.13
N TYR A 48 5.00 3.03 6.14
CA TYR A 48 5.12 3.48 7.51
C TYR A 48 6.49 4.12 7.76
N ASP A 49 7.40 4.04 6.77
CA ASP A 49 8.70 4.69 6.86
C ASP A 49 8.63 6.11 6.28
N LYS A 50 7.58 6.41 5.53
CA LYS A 50 7.39 7.70 4.87
C LYS A 50 6.45 8.58 5.68
N GLU A 51 5.53 7.95 6.42
CA GLU A 51 4.65 8.63 7.34
C GLU A 51 4.55 7.80 8.62
N ILE A 52 5.32 8.25 9.61
CA ILE A 52 5.44 7.62 10.92
C ILE A 52 4.10 7.62 11.66
N GLY A 53 3.18 8.50 11.27
CA GLY A 53 1.85 8.59 11.86
C GLY A 53 1.82 9.37 13.18
N THR A 54 2.99 9.80 13.66
CA THR A 54 3.09 10.61 14.88
C THR A 54 4.16 11.68 14.72
N PHE A 55 4.39 12.09 13.46
CA PHE A 55 5.36 13.11 13.08
C PHE A 55 4.82 13.90 11.89
N THR A 56 4.16 13.19 10.98
CA THR A 56 3.46 13.78 9.85
C THR A 56 2.02 14.10 10.24
N ASP A 57 1.82 14.31 11.54
CA ASP A 57 0.50 14.58 12.11
C ASP A 57 0.15 16.07 12.11
N GLU A 58 1.08 16.87 11.61
CA GLU A 58 0.98 18.31 11.53
C GLU A 58 0.98 18.82 10.10
N VAL A 59 0.62 17.95 9.17
CA VAL A 59 0.54 18.26 7.74
C VAL A 59 -0.63 17.52 7.09
N ILE A 3 -16.10 1.69 -11.94
CA ILE A 3 -15.24 0.62 -12.44
C ILE A 3 -14.63 -0.16 -11.27
N LYS A 4 -15.47 -0.61 -10.33
CA LYS A 4 -15.02 -1.41 -9.20
C LYS A 4 -14.74 -2.83 -9.67
N ARG A 5 -13.80 -3.50 -9.00
CA ARG A 5 -13.37 -4.85 -9.32
C ARG A 5 -13.31 -5.67 -8.04
N LYS A 6 -14.48 -6.03 -7.54
CA LYS A 6 -14.67 -6.78 -6.30
C LYS A 6 -14.36 -8.26 -6.49
N ASP A 7 -13.24 -8.55 -7.16
CA ASP A 7 -12.83 -9.90 -7.50
C ASP A 7 -11.45 -10.23 -6.93
N ALA A 8 -10.76 -9.21 -6.42
CA ALA A 8 -9.42 -9.33 -5.86
C ALA A 8 -8.46 -9.94 -6.88
N SER A 9 -8.31 -9.19 -7.97
CA SER A 9 -7.33 -9.37 -9.02
C SER A 9 -5.91 -9.47 -8.44
N PRO A 10 -4.91 -9.63 -9.31
CA PRO A 10 -3.52 -9.86 -8.96
C PRO A 10 -2.89 -8.66 -8.29
N GLU A 11 -3.39 -7.49 -8.65
CA GLU A 11 -2.96 -6.23 -8.06
C GLU A 11 -3.86 -5.89 -6.88
N GLN A 12 -5.12 -6.28 -6.98
CA GLN A 12 -6.13 -5.93 -5.99
C GLN A 12 -5.99 -6.80 -4.75
N GLU A 13 -5.19 -7.86 -4.81
CA GLU A 13 -5.01 -8.73 -3.65
C GLU A 13 -3.95 -8.14 -2.73
N ALA A 14 -3.20 -7.16 -3.25
CA ALA A 14 -2.30 -6.39 -2.43
C ALA A 14 -2.83 -4.97 -2.28
N ILE A 15 -3.28 -4.33 -3.37
CA ILE A 15 -3.79 -2.98 -3.31
C ILE A 15 -4.98 -2.84 -2.41
N GLU A 16 -6.01 -3.68 -2.55
CA GLU A 16 -7.21 -3.47 -1.75
C GLU A 16 -6.96 -3.84 -0.30
N SER A 17 -5.94 -4.66 -0.06
CA SER A 17 -5.63 -5.09 1.30
C SER A 17 -4.79 -4.01 1.96
N PHE A 18 -3.99 -3.35 1.13
CA PHE A 18 -3.06 -2.33 1.57
C PHE A 18 -3.81 -1.04 1.77
N THR A 19 -4.44 -0.57 0.69
CA THR A 19 -5.20 0.66 0.69
C THR A 19 -6.31 0.66 1.74
N SER A 20 -6.84 -0.51 2.13
CA SER A 20 -7.82 -0.59 3.20
C SER A 20 -7.16 -0.60 4.57
N LEU A 21 -5.92 -1.08 4.67
CA LEU A 21 -5.17 -1.12 5.92
C LEU A 21 -4.39 0.17 6.18
N THR A 22 -4.13 0.95 5.13
CA THR A 22 -3.39 2.19 5.22
C THR A 22 -4.29 3.37 4.95
N LYS A 23 -5.56 3.09 4.63
CA LYS A 23 -6.60 4.11 4.59
C LYS A 23 -6.32 5.17 3.53
N CYS A 24 -5.37 4.90 2.64
CA CYS A 24 -5.00 5.78 1.55
C CYS A 24 -5.85 5.49 0.31
N ASP A 25 -5.43 6.02 -0.84
CA ASP A 25 -6.11 5.78 -2.11
C ASP A 25 -5.41 4.65 -2.86
N PRO A 26 -6.14 3.82 -3.63
CA PRO A 26 -5.58 2.73 -4.40
C PRO A 26 -4.43 3.14 -5.32
N LYS A 27 -4.30 4.43 -5.65
CA LYS A 27 -3.20 4.90 -6.49
C LYS A 27 -1.92 5.12 -5.69
N VAL A 28 -2.02 5.13 -4.36
CA VAL A 28 -0.86 5.28 -3.49
C VAL A 28 -0.33 3.90 -3.12
N SER A 29 -1.22 2.93 -2.91
CA SER A 29 -0.79 1.57 -2.63
C SER A 29 0.17 1.10 -3.71
N ARG A 30 -0.32 1.15 -4.95
CA ARG A 30 0.40 0.64 -6.10
C ARG A 30 1.76 1.29 -6.23
N LYS A 31 1.89 2.60 -5.97
CA LYS A 31 3.16 3.27 -6.12
C LYS A 31 4.15 2.93 -5.01
N TYR A 32 3.69 2.32 -3.91
CA TYR A 32 4.59 1.82 -2.88
C TYR A 32 4.82 0.33 -3.07
N LEU A 33 3.85 -0.36 -3.68
CA LEU A 33 3.95 -1.79 -3.93
C LEU A 33 4.92 -2.02 -5.10
N GLN A 34 4.93 -1.11 -6.06
CA GLN A 34 5.80 -1.21 -7.23
C GLN A 34 7.27 -1.06 -6.86
N ARG A 35 7.55 -0.63 -5.63
CA ARG A 35 8.91 -0.43 -5.15
C ARG A 35 9.39 -1.63 -4.33
N ASN A 36 8.47 -2.54 -4.00
CA ASN A 36 8.74 -3.67 -3.13
C ASN A 36 8.23 -4.98 -3.75
N HIS A 37 8.18 -5.03 -5.08
CA HIS A 37 7.71 -6.21 -5.83
C HIS A 37 6.32 -6.66 -5.36
N TRP A 38 5.50 -5.70 -4.93
CA TRP A 38 4.16 -5.93 -4.43
C TRP A 38 4.15 -6.87 -3.23
N ASN A 39 5.21 -6.82 -2.42
CA ASN A 39 5.25 -7.54 -1.17
C ASN A 39 4.57 -6.65 -0.15
N ILE A 40 3.39 -7.05 0.31
CA ILE A 40 2.60 -6.15 1.13
C ILE A 40 3.23 -5.92 2.51
N ASN A 41 4.17 -6.78 2.92
CA ASN A 41 4.77 -6.64 4.23
C ASN A 41 5.92 -5.64 4.14
N TYR A 42 6.69 -5.77 3.07
CA TYR A 42 7.80 -4.89 2.79
C TYR A 42 7.29 -3.51 2.45
N ALA A 43 6.19 -3.45 1.70
CA ALA A 43 5.61 -2.19 1.25
C ALA A 43 4.89 -1.46 2.38
N LEU A 44 4.42 -2.20 3.40
CA LEU A 44 3.77 -1.55 4.54
C LEU A 44 4.83 -0.89 5.41
N ASN A 45 6.01 -1.49 5.51
CA ASN A 45 7.10 -0.88 6.25
C ASN A 45 7.66 0.31 5.47
N ASP A 46 7.54 0.29 4.14
CA ASP A 46 8.05 1.35 3.29
C ASP A 46 7.09 2.52 3.20
N TYR A 47 5.85 2.34 3.68
CA TYR A 47 4.84 3.37 3.83
C TYR A 47 4.80 3.88 5.27
N TYR A 48 5.00 2.98 6.24
CA TYR A 48 5.14 3.40 7.63
C TYR A 48 6.48 4.11 7.82
N ASP A 49 7.37 4.04 6.83
CA ASP A 49 8.64 4.75 6.85
C ASP A 49 8.43 6.23 6.57
N LYS A 50 7.25 6.57 6.03
CA LYS A 50 6.88 7.92 5.66
C LYS A 50 5.94 8.51 6.70
N GLU A 51 5.09 7.66 7.28
CA GLU A 51 4.09 8.05 8.26
C GLU A 51 4.72 8.31 9.62
N ILE A 52 5.74 7.52 9.98
CA ILE A 52 6.46 7.69 11.23
C ILE A 52 7.59 8.71 11.05
N GLY A 53 7.92 9.04 9.79
CA GLY A 53 8.99 9.96 9.44
C GLY A 53 8.63 11.42 9.71
N THR A 54 7.37 11.68 10.08
CA THR A 54 6.89 13.02 10.38
C THR A 54 5.97 12.99 11.61
N PHE A 55 6.19 12.00 12.48
CA PHE A 55 5.33 11.75 13.62
C PHE A 55 5.57 12.74 14.75
N THR A 56 6.77 13.32 14.79
CA THR A 56 7.14 14.31 15.78
C THR A 56 6.60 15.68 15.40
N ASP A 57 5.53 15.68 14.61
CA ASP A 57 4.81 16.87 14.18
C ASP A 57 3.43 16.94 14.82
N GLU A 58 3.18 15.96 15.67
CA GLU A 58 1.94 15.81 16.41
C GLU A 58 2.04 16.46 17.78
N VAL A 59 3.08 17.26 17.96
CA VAL A 59 3.39 17.97 19.19
C VAL A 59 3.74 19.42 18.88
N ILE A 3 -7.26 -19.95 -10.64
CA ILE A 3 -7.40 -18.73 -9.86
C ILE A 3 -8.11 -17.69 -10.73
N LYS A 4 -9.44 -17.71 -10.68
CA LYS A 4 -10.29 -16.72 -11.33
C LYS A 4 -10.02 -15.35 -10.72
N ARG A 5 -9.75 -14.36 -11.57
CA ARG A 5 -9.46 -13.00 -11.16
C ARG A 5 -10.71 -12.13 -11.25
N LYS A 6 -11.76 -12.61 -10.56
CA LYS A 6 -13.09 -12.00 -10.59
C LYS A 6 -13.57 -11.66 -9.19
N ASP A 7 -12.62 -11.56 -8.26
CA ASP A 7 -12.89 -11.27 -6.85
C ASP A 7 -11.69 -10.61 -6.20
N ALA A 8 -10.50 -10.94 -6.66
CA ALA A 8 -9.30 -10.28 -6.20
C ALA A 8 -8.21 -10.37 -7.26
N SER A 9 -8.03 -9.26 -7.96
CA SER A 9 -7.01 -9.06 -8.97
C SER A 9 -5.60 -9.34 -8.42
N PRO A 10 -4.61 -9.51 -9.30
CA PRO A 10 -3.22 -9.76 -8.94
C PRO A 10 -2.66 -8.56 -8.20
N GLU A 11 -3.26 -7.42 -8.51
CA GLU A 11 -2.94 -6.15 -7.92
C GLU A 11 -3.81 -5.92 -6.69
N GLN A 12 -5.10 -6.21 -6.82
CA GLN A 12 -6.08 -5.92 -5.79
C GLN A 12 -5.89 -6.83 -4.59
N GLU A 13 -5.14 -7.92 -4.75
CA GLU A 13 -4.89 -8.81 -3.63
C GLU A 13 -3.85 -8.19 -2.70
N ALA A 14 -3.18 -7.15 -3.21
CA ALA A 14 -2.32 -6.32 -2.39
C ALA A 14 -2.91 -4.94 -2.22
N ILE A 15 -3.20 -4.24 -3.31
CA ILE A 15 -3.73 -2.89 -3.28
C ILE A 15 -4.96 -2.78 -2.41
N GLU A 16 -5.97 -3.63 -2.58
CA GLU A 16 -7.18 -3.41 -1.83
C GLU A 16 -7.01 -3.84 -0.38
N SER A 17 -6.01 -4.68 -0.11
CA SER A 17 -5.73 -5.12 1.26
C SER A 17 -4.92 -4.02 1.94
N PHE A 18 -4.10 -3.34 1.14
CA PHE A 18 -3.18 -2.35 1.58
C PHE A 18 -3.90 -1.03 1.78
N THR A 19 -4.51 -0.56 0.71
CA THR A 19 -5.28 0.67 0.71
C THR A 19 -6.40 0.67 1.74
N SER A 20 -6.95 -0.50 2.09
CA SER A 20 -7.95 -0.60 3.14
C SER A 20 -7.32 -0.63 4.53
N LEU A 21 -6.07 -1.09 4.63
CA LEU A 21 -5.33 -1.14 5.88
C LEU A 21 -4.60 0.17 6.17
N THR A 22 -4.32 0.96 5.13
CA THR A 22 -3.62 2.22 5.25
C THR A 22 -4.57 3.38 5.01
N LYS A 23 -5.82 3.06 4.66
CA LYS A 23 -6.90 4.04 4.63
C LYS A 23 -6.63 5.13 3.58
N CYS A 24 -5.64 4.90 2.72
CA CYS A 24 -5.24 5.81 1.66
C CYS A 24 -5.93 5.47 0.34
N ASP A 25 -5.47 6.07 -0.75
CA ASP A 25 -6.00 5.85 -2.09
C ASP A 25 -5.27 4.66 -2.73
N PRO A 26 -5.99 3.82 -3.50
CA PRO A 26 -5.43 2.60 -4.09
C PRO A 26 -4.34 2.88 -5.12
N LYS A 27 -4.25 4.12 -5.63
CA LYS A 27 -3.19 4.47 -6.56
C LYS A 27 -1.91 4.85 -5.80
N VAL A 28 -2.00 4.98 -4.48
CA VAL A 28 -0.83 5.21 -3.64
C VAL A 28 -0.28 3.87 -3.15
N SER A 29 -1.17 2.91 -2.88
CA SER A 29 -0.72 1.56 -2.55
C SER A 29 0.14 1.04 -3.69
N ARG A 30 -0.35 1.22 -4.92
CA ARG A 30 0.33 0.89 -6.16
C ARG A 30 1.76 1.41 -6.12
N LYS A 31 1.94 2.73 -5.95
CA LYS A 31 3.27 3.32 -6.01
C LYS A 31 4.18 2.95 -4.85
N TYR A 32 3.67 2.33 -3.79
CA TYR A 32 4.51 1.83 -2.69
C TYR A 32 4.68 0.33 -2.81
N LEU A 33 3.82 -0.33 -3.59
CA LEU A 33 3.95 -1.74 -3.88
C LEU A 33 5.01 -1.93 -4.97
N GLN A 34 5.07 -1.00 -5.91
CA GLN A 34 6.05 -1.03 -6.98
C GLN A 34 7.47 -0.83 -6.43
N ARG A 35 7.58 -0.34 -5.21
CA ARG A 35 8.86 -0.13 -4.52
C ARG A 35 9.32 -1.42 -3.85
N ASN A 36 8.45 -2.44 -3.80
CA ASN A 36 8.72 -3.65 -3.06
C ASN A 36 8.21 -4.90 -3.79
N HIS A 37 8.14 -4.85 -5.12
CA HIS A 37 7.68 -5.97 -5.95
C HIS A 37 6.30 -6.47 -5.53
N TRP A 38 5.47 -5.56 -5.03
CA TRP A 38 4.12 -5.84 -4.55
C TRP A 38 4.10 -6.83 -3.39
N ASN A 39 5.13 -6.79 -2.54
CA ASN A 39 5.15 -7.56 -1.32
C ASN A 39 4.45 -6.70 -0.27
N ILE A 40 3.33 -7.18 0.26
CA ILE A 40 2.52 -6.29 1.08
C ILE A 40 3.17 -6.04 2.45
N ASN A 41 4.13 -6.86 2.86
CA ASN A 41 4.74 -6.73 4.17
C ASN A 41 5.86 -5.71 4.07
N TYR A 42 6.63 -5.82 2.99
CA TYR A 42 7.73 -4.92 2.70
C TYR A 42 7.19 -3.54 2.36
N ALA A 43 6.08 -3.49 1.62
CA ALA A 43 5.48 -2.26 1.18
C ALA A 43 4.79 -1.52 2.34
N LEU A 44 4.34 -2.25 3.37
CA LEU A 44 3.73 -1.60 4.53
C LEU A 44 4.80 -0.97 5.41
N ASN A 45 5.99 -1.58 5.49
CA ASN A 45 7.07 -1.01 6.28
C ASN A 45 7.63 0.23 5.59
N ASP A 46 7.67 0.22 4.25
CA ASP A 46 8.17 1.36 3.49
C ASP A 46 7.19 2.52 3.56
N TYR A 47 5.89 2.25 3.48
CA TYR A 47 4.87 3.27 3.61
C TYR A 47 4.86 3.86 5.01
N TYR A 48 5.05 3.03 6.03
CA TYR A 48 5.16 3.51 7.40
C TYR A 48 6.54 4.10 7.66
N ASP A 49 7.45 4.03 6.67
CA ASP A 49 8.75 4.66 6.78
C ASP A 49 8.72 6.08 6.20
N LYS A 50 7.69 6.38 5.39
CA LYS A 50 7.53 7.67 4.75
C LYS A 50 6.58 8.56 5.55
N GLU A 51 5.66 7.93 6.29
CA GLU A 51 4.79 8.60 7.22
C GLU A 51 4.68 7.74 8.47
N ILE A 52 5.42 8.16 9.48
CA ILE A 52 5.52 7.49 10.78
C ILE A 52 4.15 7.44 11.47
N GLY A 53 3.21 8.29 11.05
CA GLY A 53 1.86 8.31 11.59
C GLY A 53 1.75 9.09 12.90
N THR A 54 2.82 9.77 13.31
CA THR A 54 2.82 10.55 14.55
C THR A 54 3.43 11.93 14.35
N PHE A 55 3.45 12.38 13.10
CA PHE A 55 4.01 13.67 12.73
C PHE A 55 3.07 14.80 13.09
N THR A 56 1.78 14.48 13.07
CA THR A 56 0.74 15.47 13.28
C THR A 56 0.34 15.56 14.75
N ASP A 57 1.32 15.30 15.62
CA ASP A 57 1.15 15.24 17.06
C ASP A 57 -0.05 14.39 17.46
N GLU A 58 -0.19 13.33 16.68
CA GLU A 58 -1.17 12.28 16.78
C GLU A 58 -2.61 12.76 17.03
N VAL A 59 -2.92 13.96 16.55
CA VAL A 59 -4.24 14.57 16.69
C VAL A 59 -4.75 15.10 15.36
N ILE A 3 -7.99 -5.58 -16.65
CA ILE A 3 -8.81 -6.74 -16.31
C ILE A 3 -8.84 -6.91 -14.80
N LYS A 4 -9.73 -6.17 -14.14
CA LYS A 4 -10.03 -6.38 -12.73
C LYS A 4 -11.00 -7.55 -12.61
N ARG A 5 -10.83 -8.38 -11.58
CA ARG A 5 -11.62 -9.56 -11.35
C ARG A 5 -12.76 -9.33 -10.37
N LYS A 6 -13.11 -8.05 -10.21
CA LYS A 6 -14.20 -7.56 -9.37
C LYS A 6 -14.25 -8.14 -7.95
N ASP A 7 -13.11 -8.62 -7.45
CA ASP A 7 -13.05 -9.20 -6.11
C ASP A 7 -11.65 -9.12 -5.53
N ALA A 8 -10.67 -9.75 -6.20
CA ALA A 8 -9.30 -9.74 -5.75
C ALA A 8 -8.40 -10.23 -6.87
N SER A 9 -8.23 -9.32 -7.82
CA SER A 9 -7.31 -9.45 -8.93
C SER A 9 -5.87 -9.57 -8.40
N PRO A 10 -4.90 -9.65 -9.32
CA PRO A 10 -3.48 -9.86 -9.03
C PRO A 10 -2.89 -8.67 -8.32
N GLU A 11 -3.45 -7.51 -8.63
CA GLU A 11 -3.07 -6.25 -8.03
C GLU A 11 -3.89 -6.02 -6.78
N GLN A 12 -5.17 -6.40 -6.84
CA GLN A 12 -6.14 -6.09 -5.81
C GLN A 12 -5.96 -7.01 -4.60
N GLU A 13 -5.11 -8.03 -4.72
CA GLU A 13 -4.87 -8.92 -3.60
C GLU A 13 -3.83 -8.32 -2.69
N ALA A 14 -3.13 -7.29 -3.19
CA ALA A 14 -2.25 -6.49 -2.37
C ALA A 14 -2.78 -5.07 -2.23
N ILE A 15 -3.15 -4.41 -3.35
CA ILE A 15 -3.66 -3.05 -3.31
C ILE A 15 -4.87 -2.92 -2.41
N GLU A 16 -5.90 -3.75 -2.58
CA GLU A 16 -7.11 -3.49 -1.82
C GLU A 16 -6.93 -3.91 -0.37
N SER A 17 -5.95 -4.76 -0.10
CA SER A 17 -5.67 -5.20 1.26
C SER A 17 -4.85 -4.12 1.93
N PHE A 18 -4.01 -3.48 1.13
CA PHE A 18 -3.10 -2.45 1.56
C PHE A 18 -3.84 -1.13 1.75
N THR A 19 -4.38 -0.62 0.65
CA THR A 19 -5.13 0.61 0.62
C THR A 19 -6.27 0.65 1.65
N SER A 20 -6.83 -0.50 2.05
CA SER A 20 -7.83 -0.55 3.09
C SER A 20 -7.20 -0.59 4.48
N LEU A 21 -5.99 -1.15 4.59
CA LEU A 21 -5.26 -1.22 5.85
C LEU A 21 -4.49 0.08 6.13
N THR A 22 -4.26 0.90 5.10
CA THR A 22 -3.53 2.15 5.22
C THR A 22 -4.40 3.35 4.88
N LYS A 23 -5.65 3.08 4.50
CA LYS A 23 -6.66 4.11 4.37
C LYS A 23 -6.31 5.13 3.28
N CYS A 24 -5.32 4.82 2.45
CA CYS A 24 -4.89 5.70 1.37
C CYS A 24 -5.72 5.45 0.11
N ASP A 25 -5.36 6.13 -0.98
CA ASP A 25 -6.01 5.94 -2.27
C ASP A 25 -5.40 4.74 -2.98
N PRO A 26 -6.19 3.97 -3.75
CA PRO A 26 -5.73 2.78 -4.45
C PRO A 26 -4.57 3.02 -5.42
N LYS A 27 -4.21 4.28 -5.70
CA LYS A 27 -3.09 4.61 -6.57
C LYS A 27 -1.84 4.94 -5.76
N VAL A 28 -2.00 5.15 -4.46
CA VAL A 28 -0.87 5.42 -3.56
C VAL A 28 -0.34 4.09 -3.03
N SER A 29 -1.24 3.15 -2.73
CA SER A 29 -0.84 1.81 -2.32
C SER A 29 0.09 1.24 -3.37
N ARG A 30 -0.36 1.35 -4.61
CA ARG A 30 0.27 0.91 -5.83
C ARG A 30 1.68 1.47 -5.95
N LYS A 31 1.86 2.78 -5.83
CA LYS A 31 3.19 3.36 -5.99
C LYS A 31 4.14 2.94 -4.87
N TYR A 32 3.64 2.45 -3.73
CA TYR A 32 4.49 1.93 -2.67
C TYR A 32 4.63 0.42 -2.80
N LEU A 33 3.71 -0.22 -3.51
CA LEU A 33 3.80 -1.65 -3.78
C LEU A 33 4.85 -1.87 -4.85
N GLN A 34 4.90 -0.99 -5.86
CA GLN A 34 5.88 -1.06 -6.93
C GLN A 34 7.31 -0.87 -6.41
N ARG A 35 7.45 -0.31 -5.21
CA ARG A 35 8.75 -0.10 -4.57
C ARG A 35 9.23 -1.38 -3.89
N ASN A 36 8.35 -2.39 -3.80
CA ASN A 36 8.63 -3.60 -3.04
C ASN A 36 8.13 -4.85 -3.75
N HIS A 37 8.06 -4.81 -5.09
CA HIS A 37 7.60 -5.94 -5.90
C HIS A 37 6.23 -6.43 -5.47
N TRP A 38 5.37 -5.52 -5.01
CA TRP A 38 4.03 -5.81 -4.53
C TRP A 38 4.03 -6.78 -3.35
N ASN A 39 5.08 -6.73 -2.52
CA ASN A 39 5.13 -7.50 -1.29
C ASN A 39 4.45 -6.66 -0.24
N ILE A 40 3.29 -7.09 0.24
CA ILE A 40 2.50 -6.22 1.10
C ILE A 40 3.17 -6.01 2.46
N ASN A 41 4.13 -6.86 2.85
CA ASN A 41 4.75 -6.75 4.16
C ASN A 41 5.88 -5.74 4.07
N TYR A 42 6.64 -5.83 2.98
CA TYR A 42 7.74 -4.95 2.71
C TYR A 42 7.21 -3.55 2.40
N ALA A 43 6.09 -3.50 1.68
CA ALA A 43 5.49 -2.24 1.27
C ALA A 43 4.82 -1.53 2.43
N LEU A 44 4.38 -2.28 3.46
CA LEU A 44 3.79 -1.65 4.64
C LEU A 44 4.87 -1.01 5.49
N ASN A 45 6.07 -1.61 5.53
CA ASN A 45 7.17 -1.03 6.29
C ASN A 45 7.68 0.23 5.60
N ASP A 46 7.70 0.24 4.26
CA ASP A 46 8.17 1.37 3.49
C ASP A 46 7.19 2.53 3.61
N TYR A 47 5.89 2.27 3.53
CA TYR A 47 4.87 3.29 3.67
C TYR A 47 4.85 3.86 5.09
N TYR A 48 5.05 3.01 6.10
CA TYR A 48 5.17 3.48 7.47
C TYR A 48 6.55 4.10 7.73
N ASP A 49 7.45 4.02 6.75
CA ASP A 49 8.76 4.66 6.86
C ASP A 49 8.73 6.09 6.30
N LYS A 50 7.69 6.41 5.52
CA LYS A 50 7.53 7.71 4.89
C LYS A 50 6.60 8.61 5.69
N GLU A 51 5.75 8.01 6.52
CA GLU A 51 4.86 8.71 7.41
C GLU A 51 4.69 7.90 8.70
N ILE A 52 5.68 8.06 9.57
CA ILE A 52 5.77 7.33 10.83
C ILE A 52 4.68 7.77 11.81
N GLY A 53 4.17 8.98 11.61
CA GLY A 53 3.11 9.55 12.42
C GLY A 53 3.60 10.12 13.75
N THR A 54 4.90 10.01 14.03
CA THR A 54 5.50 10.53 15.24
C THR A 54 6.87 11.17 14.94
N PHE A 55 7.04 11.56 13.68
CA PHE A 55 8.26 12.17 13.17
C PHE A 55 7.89 13.21 12.12
N THR A 56 6.88 12.90 11.31
CA THR A 56 6.30 13.83 10.36
C THR A 56 5.21 14.65 11.03
N ASP A 57 5.32 14.77 12.35
CA ASP A 57 4.39 15.50 13.19
C ASP A 57 5.09 16.68 13.85
N GLU A 58 6.33 16.88 13.43
CA GLU A 58 7.19 17.94 13.91
C GLU A 58 7.10 19.18 13.02
N VAL A 59 6.08 19.18 12.17
CA VAL A 59 5.79 20.22 11.20
C VAL A 59 4.36 20.71 11.32
N ILE A 3 -5.60 -16.94 -7.61
CA ILE A 3 -5.80 -15.56 -8.03
C ILE A 3 -7.16 -15.47 -8.73
N LYS A 4 -8.20 -15.22 -7.94
CA LYS A 4 -9.57 -15.09 -8.41
C LYS A 4 -9.72 -13.81 -9.22
N ARG A 5 -9.79 -13.92 -10.55
CA ARG A 5 -9.88 -12.77 -11.44
C ARG A 5 -11.26 -12.13 -11.47
N LYS A 6 -12.03 -12.37 -10.41
CA LYS A 6 -13.42 -11.95 -10.28
C LYS A 6 -13.78 -11.63 -8.84
N ASP A 7 -12.75 -11.50 -7.99
CA ASP A 7 -12.92 -11.25 -6.57
C ASP A 7 -11.70 -10.59 -5.97
N ALA A 8 -10.52 -10.92 -6.50
CA ALA A 8 -9.31 -10.27 -6.03
C ALA A 8 -8.22 -10.38 -7.10
N SER A 9 -8.10 -9.30 -7.87
CA SER A 9 -7.09 -9.11 -8.90
C SER A 9 -5.67 -9.35 -8.37
N PRO A 10 -4.70 -9.54 -9.27
CA PRO A 10 -3.31 -9.79 -8.92
C PRO A 10 -2.74 -8.58 -8.20
N GLU A 11 -3.35 -7.44 -8.49
CA GLU A 11 -3.03 -6.17 -7.91
C GLU A 11 -3.87 -5.95 -6.68
N GLN A 12 -5.17 -6.23 -6.79
CA GLN A 12 -6.14 -5.92 -5.75
C GLN A 12 -5.95 -6.84 -4.54
N GLU A 13 -5.21 -7.93 -4.71
CA GLU A 13 -4.97 -8.83 -3.59
C GLU A 13 -3.92 -8.21 -2.67
N ALA A 14 -3.24 -7.19 -3.19
CA ALA A 14 -2.34 -6.40 -2.37
C ALA A 14 -2.90 -4.98 -2.19
N ILE A 15 -3.20 -4.29 -3.30
CA ILE A 15 -3.73 -2.94 -3.26
C ILE A 15 -4.93 -2.82 -2.37
N GLU A 16 -5.97 -3.63 -2.56
CA GLU A 16 -7.18 -3.39 -1.79
C GLU A 16 -6.98 -3.79 -0.34
N SER A 17 -6.01 -4.66 -0.08
CA SER A 17 -5.72 -5.11 1.28
C SER A 17 -4.88 -4.05 1.96
N PHE A 18 -4.08 -3.35 1.16
CA PHE A 18 -3.12 -2.37 1.61
C PHE A 18 -3.81 -1.04 1.80
N THR A 19 -4.43 -0.56 0.72
CA THR A 19 -5.17 0.68 0.70
C THR A 19 -6.29 0.70 1.73
N SER A 20 -6.85 -0.46 2.12
CA SER A 20 -7.84 -0.52 3.19
C SER A 20 -7.17 -0.55 4.57
N LEU A 21 -5.97 -1.13 4.66
CA LEU A 21 -5.22 -1.20 5.91
C LEU A 21 -4.48 0.11 6.18
N THR A 22 -4.32 0.96 5.16
CA THR A 22 -3.60 2.22 5.25
C THR A 22 -4.48 3.40 4.94
N LYS A 23 -5.75 3.14 4.60
CA LYS A 23 -6.77 4.16 4.49
C LYS A 23 -6.45 5.18 3.40
N CYS A 24 -5.45 4.90 2.56
CA CYS A 24 -5.06 5.77 1.47
C CYS A 24 -5.83 5.43 0.19
N ASP A 25 -5.45 6.05 -0.93
CA ASP A 25 -6.06 5.80 -2.22
C ASP A 25 -5.38 4.62 -2.90
N PRO A 26 -6.10 3.79 -3.66
CA PRO A 26 -5.56 2.60 -4.31
C PRO A 26 -4.36 2.89 -5.21
N LYS A 27 -4.22 4.13 -5.69
CA LYS A 27 -3.12 4.50 -6.57
C LYS A 27 -1.88 4.86 -5.78
N VAL A 28 -2.03 5.03 -4.47
CA VAL A 28 -0.90 5.26 -3.57
C VAL A 28 -0.34 3.91 -3.14
N SER A 29 -1.20 2.92 -2.90
CA SER A 29 -0.73 1.59 -2.60
C SER A 29 0.13 1.10 -3.75
N ARG A 30 -0.37 1.29 -4.98
CA ARG A 30 0.29 0.94 -6.22
C ARG A 30 1.69 1.56 -6.32
N LYS A 31 1.99 2.65 -5.61
CA LYS A 31 3.32 3.24 -5.71
C LYS A 31 4.23 2.85 -4.54
N TYR A 32 3.65 2.24 -3.49
CA TYR A 32 4.44 1.67 -2.40
C TYR A 32 4.52 0.15 -2.56
N LEU A 33 3.77 -0.39 -3.52
CA LEU A 33 3.88 -1.79 -3.90
C LEU A 33 4.97 -1.92 -4.96
N GLN A 34 5.03 -1.00 -5.93
CA GLN A 34 6.06 -1.02 -6.95
C GLN A 34 7.47 -0.82 -6.39
N ARG A 35 7.57 -0.42 -5.11
CA ARG A 35 8.83 -0.21 -4.42
C ARG A 35 9.49 -1.53 -4.03
N ASN A 36 8.67 -2.59 -3.94
CA ASN A 36 9.09 -3.87 -3.40
C ASN A 36 8.43 -5.05 -4.13
N HIS A 37 8.21 -4.92 -5.44
CA HIS A 37 7.65 -5.99 -6.25
C HIS A 37 6.27 -6.46 -5.74
N TRP A 38 5.47 -5.53 -5.25
CA TRP A 38 4.13 -5.79 -4.73
C TRP A 38 4.14 -6.77 -3.56
N ASN A 39 5.05 -6.55 -2.61
CA ASN A 39 5.12 -7.33 -1.38
C ASN A 39 4.43 -6.53 -0.30
N ILE A 40 3.26 -7.00 0.17
CA ILE A 40 2.46 -6.20 1.07
C ILE A 40 3.14 -6.01 2.43
N ASN A 41 4.14 -6.83 2.77
CA ASN A 41 4.78 -6.74 4.08
C ASN A 41 5.90 -5.71 4.01
N TYR A 42 6.66 -5.79 2.93
CA TYR A 42 7.75 -4.86 2.67
C TYR A 42 7.19 -3.47 2.41
N ALA A 43 6.05 -3.42 1.71
CA ALA A 43 5.37 -2.18 1.38
C ALA A 43 4.76 -1.51 2.61
N LEU A 44 4.34 -2.30 3.60
CA LEU A 44 3.78 -1.72 4.81
C LEU A 44 4.89 -1.07 5.64
N ASN A 45 6.10 -1.62 5.59
CA ASN A 45 7.22 -1.02 6.30
C ASN A 45 7.69 0.24 5.56
N ASP A 46 7.67 0.23 4.23
CA ASP A 46 8.11 1.38 3.45
C ASP A 46 7.14 2.55 3.62
N TYR A 47 5.84 2.30 3.55
CA TYR A 47 4.84 3.34 3.71
C TYR A 47 4.81 3.88 5.14
N TYR A 48 5.01 3.01 6.13
CA TYR A 48 5.11 3.46 7.52
C TYR A 48 6.46 4.13 7.77
N ASP A 49 7.37 4.06 6.79
CA ASP A 49 8.65 4.76 6.88
C ASP A 49 8.57 6.15 6.24
N LYS A 50 7.49 6.42 5.51
CA LYS A 50 7.31 7.66 4.78
C LYS A 50 6.18 8.53 5.37
N GLU A 51 5.07 7.89 5.74
CA GLU A 51 3.87 8.59 6.17
C GLU A 51 3.74 8.59 7.68
N ILE A 52 4.10 7.49 8.32
CA ILE A 52 4.08 7.37 9.78
C ILE A 52 5.45 7.76 10.35
N GLY A 53 6.47 7.84 9.49
CA GLY A 53 7.83 8.20 9.87
C GLY A 53 7.98 9.68 10.23
N THR A 54 6.86 10.41 10.34
CA THR A 54 6.85 11.83 10.60
C THR A 54 6.75 12.16 12.09
N PHE A 55 7.16 11.23 12.94
CA PHE A 55 6.97 11.37 14.37
C PHE A 55 7.63 12.63 14.92
N THR A 56 8.79 12.98 14.36
CA THR A 56 9.57 14.14 14.79
C THR A 56 9.07 15.45 14.20
N ASP A 57 7.74 15.56 14.03
CA ASP A 57 7.10 16.76 13.53
C ASP A 57 6.16 17.35 14.58
N GLU A 58 6.18 16.71 15.75
CA GLU A 58 5.42 17.10 16.91
C GLU A 58 6.24 17.97 17.85
N VAL A 59 7.37 18.43 17.33
CA VAL A 59 8.35 19.24 18.06
C VAL A 59 7.91 20.70 18.10
N ILE A 3 -5.68 -18.35 -12.14
CA ILE A 3 -6.89 -18.89 -11.53
C ILE A 3 -7.55 -17.84 -10.63
N LYS A 4 -7.58 -16.59 -11.09
CA LYS A 4 -8.26 -15.54 -10.36
C LYS A 4 -9.76 -15.78 -10.45
N ARG A 5 -10.46 -15.59 -9.33
CA ARG A 5 -11.85 -15.98 -9.19
C ARG A 5 -12.83 -14.81 -9.23
N LYS A 6 -12.41 -13.73 -9.89
CA LYS A 6 -13.17 -12.48 -9.98
C LYS A 6 -13.60 -12.01 -8.58
N ASP A 7 -12.64 -11.96 -7.66
CA ASP A 7 -12.88 -11.61 -6.27
C ASP A 7 -11.72 -10.83 -5.69
N ALA A 8 -10.52 -11.10 -6.19
CA ALA A 8 -9.36 -10.36 -5.80
C ALA A 8 -8.30 -10.48 -6.90
N SER A 9 -8.21 -9.42 -7.70
CA SER A 9 -7.24 -9.26 -8.77
C SER A 9 -5.80 -9.51 -8.29
N PRO A 10 -4.86 -9.72 -9.22
CA PRO A 10 -3.46 -9.98 -8.91
C PRO A 10 -2.85 -8.78 -8.22
N GLU A 11 -3.45 -7.64 -8.53
CA GLU A 11 -3.11 -6.35 -7.99
C GLU A 11 -3.90 -6.11 -6.72
N GLN A 12 -5.21 -6.35 -6.79
CA GLN A 12 -6.15 -6.03 -5.74
C GLN A 12 -5.93 -6.92 -4.52
N GLU A 13 -5.23 -8.04 -4.70
CA GLU A 13 -4.99 -8.94 -3.57
C GLU A 13 -3.90 -8.35 -2.69
N ALA A 14 -3.21 -7.33 -3.20
CA ALA A 14 -2.31 -6.55 -2.39
C ALA A 14 -2.82 -5.12 -2.24
N ILE A 15 -3.15 -4.45 -3.34
CA ILE A 15 -3.63 -3.08 -3.32
C ILE A 15 -4.83 -2.92 -2.42
N GLU A 16 -5.88 -3.72 -2.58
CA GLU A 16 -7.08 -3.45 -1.82
C GLU A 16 -6.90 -3.85 -0.36
N SER A 17 -5.94 -4.73 -0.09
CA SER A 17 -5.67 -5.17 1.27
C SER A 17 -4.78 -4.14 1.94
N PHE A 18 -4.00 -3.45 1.11
CA PHE A 18 -3.05 -2.47 1.52
C PHE A 18 -3.73 -1.13 1.71
N THR A 19 -4.26 -0.60 0.60
CA THR A 19 -5.01 0.64 0.55
C THR A 19 -6.12 0.69 1.61
N SER A 20 -6.68 -0.45 2.03
CA SER A 20 -7.65 -0.49 3.10
C SER A 20 -6.99 -0.41 4.47
N LEU A 21 -5.85 -1.09 4.63
CA LEU A 21 -5.11 -1.14 5.88
C LEU A 21 -4.28 0.12 6.10
N THR A 22 -4.03 0.88 5.04
CA THR A 22 -3.29 2.13 5.10
C THR A 22 -4.18 3.32 4.84
N LYS A 23 -5.46 3.04 4.54
CA LYS A 23 -6.49 4.06 4.50
C LYS A 23 -6.22 5.11 3.41
N CYS A 24 -5.26 4.82 2.53
CA CYS A 24 -4.90 5.73 1.44
C CYS A 24 -5.64 5.40 0.15
N ASP A 25 -5.29 6.09 -0.93
CA ASP A 25 -5.88 5.89 -2.24
C ASP A 25 -5.25 4.69 -2.95
N PRO A 26 -6.01 4.01 -3.82
CA PRO A 26 -5.56 2.83 -4.53
C PRO A 26 -4.49 3.15 -5.58
N LYS A 27 -4.14 4.43 -5.75
CA LYS A 27 -3.07 4.86 -6.62
C LYS A 27 -1.81 5.19 -5.84
N VAL A 28 -1.89 5.20 -4.50
CA VAL A 28 -0.75 5.43 -3.64
C VAL A 28 -0.29 4.10 -3.06
N SER A 29 -1.23 3.20 -2.77
CA SER A 29 -0.92 1.84 -2.37
C SER A 29 0.04 1.24 -3.38
N ARG A 30 -0.33 1.43 -4.64
CA ARG A 30 0.32 1.00 -5.85
C ARG A 30 1.76 1.45 -5.92
N LYS A 31 2.03 2.74 -5.75
CA LYS A 31 3.38 3.25 -5.87
C LYS A 31 4.28 2.82 -4.69
N TYR A 32 3.69 2.33 -3.59
CA TYR A 32 4.42 1.75 -2.48
C TYR A 32 4.44 0.23 -2.59
N LEU A 33 3.73 -0.32 -3.56
CA LEU A 33 3.77 -1.75 -3.86
C LEU A 33 4.80 -2.00 -4.95
N GLN A 34 4.77 -1.22 -6.03
CA GLN A 34 5.74 -1.34 -7.13
C GLN A 34 7.17 -1.21 -6.61
N ARG A 35 7.31 -0.52 -5.47
CA ARG A 35 8.52 -0.22 -4.76
C ARG A 35 9.23 -1.44 -4.20
N ASN A 36 8.49 -2.53 -4.05
CA ASN A 36 8.97 -3.77 -3.45
C ASN A 36 8.34 -4.97 -4.14
N HIS A 37 8.03 -4.83 -5.43
CA HIS A 37 7.49 -5.91 -6.25
C HIS A 37 6.15 -6.41 -5.73
N TRP A 38 5.32 -5.49 -5.22
CA TRP A 38 4.01 -5.76 -4.69
C TRP A 38 4.05 -6.72 -3.50
N ASN A 39 5.02 -6.51 -2.60
CA ASN A 39 5.13 -7.29 -1.39
C ASN A 39 4.44 -6.51 -0.29
N ILE A 40 3.33 -7.03 0.22
CA ILE A 40 2.51 -6.25 1.13
C ILE A 40 3.21 -6.05 2.48
N ASN A 41 4.23 -6.84 2.80
CA ASN A 41 4.89 -6.75 4.10
C ASN A 41 5.98 -5.68 4.01
N TYR A 42 6.72 -5.72 2.90
CA TYR A 42 7.77 -4.77 2.64
C TYR A 42 7.17 -3.39 2.42
N ALA A 43 6.02 -3.36 1.73
CA ALA A 43 5.31 -2.13 1.45
C ALA A 43 4.71 -1.51 2.71
N LEU A 44 4.34 -2.33 3.68
CA LEU A 44 3.77 -1.81 4.93
C LEU A 44 4.86 -1.18 5.78
N ASN A 45 6.11 -1.66 5.65
CA ASN A 45 7.21 -1.06 6.38
C ASN A 45 7.63 0.25 5.71
N ASP A 46 7.63 0.30 4.38
CA ASP A 46 8.08 1.48 3.68
C ASP A 46 7.06 2.62 3.82
N TYR A 47 5.77 2.33 3.71
CA TYR A 47 4.75 3.35 3.81
C TYR A 47 4.67 3.91 5.23
N TYR A 48 4.86 3.05 6.25
CA TYR A 48 4.91 3.50 7.62
C TYR A 48 6.25 4.18 7.90
N ASP A 49 7.19 4.08 6.95
CA ASP A 49 8.47 4.79 7.06
C ASP A 49 8.39 6.17 6.40
N LYS A 50 7.32 6.44 5.65
CA LYS A 50 7.16 7.67 4.90
C LYS A 50 6.04 8.55 5.46
N GLU A 51 4.92 7.92 5.86
CA GLU A 51 3.73 8.63 6.27
C GLU A 51 3.55 8.62 7.78
N ILE A 52 3.84 7.48 8.42
CA ILE A 52 3.77 7.36 9.87
C ILE A 52 5.11 7.79 10.50
N GLY A 53 6.14 7.91 9.66
CA GLY A 53 7.49 8.28 10.11
C GLY A 53 7.59 9.74 10.52
N THR A 54 6.51 10.50 10.38
CA THR A 54 6.43 11.90 10.78
C THR A 54 5.11 12.18 11.48
N PHE A 55 4.56 11.13 12.10
CA PHE A 55 3.26 11.15 12.75
C PHE A 55 3.38 10.92 14.24
N THR A 56 4.28 10.02 14.64
CA THR A 56 4.58 9.71 16.02
C THR A 56 6.07 9.91 16.28
N ASP A 57 6.68 10.80 15.50
CA ASP A 57 8.09 11.08 15.62
C ASP A 57 8.39 11.76 16.96
N GLU A 58 9.08 11.01 17.84
CA GLU A 58 9.53 11.43 19.15
C GLU A 58 8.49 12.18 19.98
N VAL A 59 7.21 11.87 19.74
CA VAL A 59 6.10 12.48 20.46
C VAL A 59 6.07 12.04 21.92
N ILE A 3 -9.81 -4.97 -10.73
CA ILE A 3 -11.09 -4.66 -10.11
C ILE A 3 -12.11 -5.79 -10.33
N LYS A 4 -11.68 -7.04 -10.13
CA LYS A 4 -12.55 -8.19 -10.27
C LYS A 4 -13.09 -8.59 -8.91
N ARG A 5 -14.41 -8.44 -8.76
CA ARG A 5 -15.14 -8.69 -7.53
C ARG A 5 -15.45 -10.16 -7.32
N LYS A 6 -14.64 -11.00 -7.93
CA LYS A 6 -14.78 -12.45 -7.92
C LYS A 6 -13.41 -13.13 -7.93
N ASP A 7 -12.37 -12.34 -7.68
CA ASP A 7 -10.98 -12.77 -7.76
C ASP A 7 -10.04 -11.91 -6.91
N ALA A 8 -10.46 -10.67 -6.60
CA ALA A 8 -9.68 -9.71 -5.85
C ALA A 8 -8.35 -9.38 -6.51
N SER A 9 -8.33 -9.50 -7.84
CA SER A 9 -7.22 -9.32 -8.79
C SER A 9 -5.83 -9.77 -8.30
N PRO A 10 -4.82 -9.77 -9.18
CA PRO A 10 -3.44 -10.02 -8.81
C PRO A 10 -2.85 -8.83 -8.10
N GLU A 11 -3.42 -7.68 -8.42
CA GLU A 11 -3.06 -6.39 -7.90
C GLU A 11 -3.86 -6.11 -6.65
N GLN A 12 -5.17 -6.36 -6.75
CA GLN A 12 -6.15 -6.01 -5.76
C GLN A 12 -5.98 -6.88 -4.52
N GLU A 13 -5.21 -7.97 -4.63
CA GLU A 13 -4.99 -8.84 -3.49
C GLU A 13 -3.89 -8.23 -2.61
N ALA A 14 -3.20 -7.23 -3.14
CA ALA A 14 -2.29 -6.43 -2.35
C ALA A 14 -2.83 -5.01 -2.21
N ILE A 15 -3.20 -4.36 -3.32
CA ILE A 15 -3.69 -3.00 -3.31
C ILE A 15 -4.88 -2.81 -2.40
N GLU A 16 -5.93 -3.63 -2.53
CA GLU A 16 -7.13 -3.36 -1.76
C GLU A 16 -6.92 -3.74 -0.30
N SER A 17 -5.93 -4.59 -0.03
CA SER A 17 -5.64 -5.01 1.33
C SER A 17 -4.77 -3.94 1.98
N PHE A 18 -3.97 -3.30 1.15
CA PHE A 18 -3.01 -2.30 1.57
C PHE A 18 -3.70 -0.98 1.75
N THR A 19 -4.35 -0.52 0.69
CA THR A 19 -5.07 0.73 0.66
C THR A 19 -6.18 0.78 1.72
N SER A 20 -6.75 -0.37 2.11
CA SER A 20 -7.73 -0.41 3.19
C SER A 20 -7.07 -0.44 4.56
N LEU A 21 -5.84 -0.96 4.64
CA LEU A 21 -5.08 -1.00 5.89
C LEU A 21 -4.30 0.29 6.11
N THR A 22 -4.09 1.09 5.06
CA THR A 22 -3.37 2.35 5.14
C THR A 22 -4.28 3.53 4.91
N LYS A 23 -5.55 3.23 4.60
CA LYS A 23 -6.60 4.24 4.58
C LYS A 23 -6.34 5.31 3.52
N CYS A 24 -5.35 5.07 2.65
CA CYS A 24 -4.98 5.97 1.57
C CYS A 24 -5.69 5.58 0.27
N ASP A 25 -5.29 6.20 -0.84
CA ASP A 25 -5.89 5.94 -2.15
C ASP A 25 -5.21 4.72 -2.80
N PRO A 26 -5.96 3.90 -3.56
CA PRO A 26 -5.44 2.69 -4.19
C PRO A 26 -4.24 2.93 -5.11
N LYS A 27 -4.10 4.15 -5.64
CA LYS A 27 -3.00 4.48 -6.53
C LYS A 27 -1.74 4.79 -5.73
N VAL A 28 -1.90 5.10 -4.45
CA VAL A 28 -0.77 5.29 -3.56
C VAL A 28 -0.28 3.93 -3.09
N SER A 29 -1.18 2.97 -2.89
CA SER A 29 -0.76 1.62 -2.58
C SER A 29 0.09 1.10 -3.73
N ARG A 30 -0.43 1.21 -4.96
CA ARG A 30 0.25 0.82 -6.18
C ARG A 30 1.67 1.37 -6.20
N LYS A 31 1.85 2.68 -6.04
CA LYS A 31 3.17 3.27 -6.14
C LYS A 31 4.12 2.85 -5.03
N TYR A 32 3.63 2.32 -3.90
CA TYR A 32 4.51 1.80 -2.85
C TYR A 32 4.69 0.30 -3.03
N LEU A 33 3.76 -0.35 -3.73
CA LEU A 33 3.87 -1.76 -4.04
C LEU A 33 4.93 -1.93 -5.12
N GLN A 34 5.00 -0.99 -6.07
CA GLN A 34 6.00 -1.03 -7.12
C GLN A 34 7.41 -0.82 -6.58
N ARG A 35 7.51 -0.29 -5.35
CA ARG A 35 8.80 -0.08 -4.68
C ARG A 35 9.28 -1.36 -3.99
N ASN A 36 8.42 -2.37 -3.92
CA ASN A 36 8.67 -3.57 -3.15
C ASN A 36 8.18 -4.83 -3.88
N HIS A 37 8.11 -4.79 -5.21
CA HIS A 37 7.66 -5.91 -6.03
C HIS A 37 6.30 -6.45 -5.61
N TRP A 38 5.44 -5.55 -5.13
CA TRP A 38 4.10 -5.88 -4.65
C TRP A 38 4.11 -6.85 -3.48
N ASN A 39 5.15 -6.75 -2.64
CA ASN A 39 5.21 -7.51 -1.40
C ASN A 39 4.53 -6.65 -0.35
N ILE A 40 3.35 -7.07 0.12
CA ILE A 40 2.58 -6.21 0.99
C ILE A 40 3.23 -6.02 2.35
N ASN A 41 4.19 -6.87 2.73
CA ASN A 41 4.80 -6.79 4.04
C ASN A 41 5.94 -5.79 3.98
N TYR A 42 6.70 -5.87 2.89
CA TYR A 42 7.81 -4.97 2.63
C TYR A 42 7.29 -3.57 2.34
N ALA A 43 6.18 -3.51 1.60
CA ALA A 43 5.59 -2.25 1.19
C ALA A 43 4.91 -1.54 2.36
N LEU A 44 4.42 -2.29 3.35
CA LEU A 44 3.78 -1.68 4.51
C LEU A 44 4.83 -1.08 5.42
N ASN A 45 6.02 -1.68 5.51
CA ASN A 45 7.09 -1.12 6.32
C ASN A 45 7.61 0.16 5.66
N ASP A 46 7.69 0.17 4.32
CA ASP A 46 8.19 1.32 3.60
C ASP A 46 7.20 2.48 3.68
N TYR A 47 5.90 2.20 3.73
CA TYR A 47 4.90 3.24 3.90
C TYR A 47 4.76 3.67 5.35
N TYR A 48 4.90 2.74 6.31
CA TYR A 48 4.91 3.11 7.71
C TYR A 48 6.13 3.98 7.99
N ASP A 49 7.07 4.03 7.04
CA ASP A 49 8.23 4.89 7.15
C ASP A 49 8.01 6.24 6.46
N LYS A 50 6.91 6.38 5.72
CA LYS A 50 6.60 7.56 4.95
C LYS A 50 5.38 8.29 5.51
N GLU A 51 4.25 7.57 5.58
CA GLU A 51 2.92 8.04 5.93
C GLU A 51 2.59 9.44 5.39
N ILE A 52 3.19 9.81 4.28
CA ILE A 52 2.95 11.08 3.60
C ILE A 52 1.50 11.14 3.09
N GLY A 53 0.82 9.99 3.03
CA GLY A 53 -0.54 9.87 2.54
C GLY A 53 -1.58 10.41 3.51
N THR A 54 -1.13 11.09 4.58
CA THR A 54 -1.98 11.59 5.64
C THR A 54 -2.52 12.99 5.36
N PHE A 55 -2.52 13.39 4.08
CA PHE A 55 -2.89 14.74 3.72
C PHE A 55 -4.32 15.07 4.10
N THR A 56 -5.23 14.12 3.86
CA THR A 56 -6.65 14.29 4.10
C THR A 56 -7.06 13.87 5.50
N ASP A 57 -6.15 14.06 6.46
CA ASP A 57 -6.39 13.72 7.87
C ASP A 57 -6.41 14.95 8.75
N GLU A 58 -6.32 16.10 8.07
CA GLU A 58 -6.34 17.41 8.69
C GLU A 58 -7.75 17.97 8.74
N VAL A 59 -8.71 17.09 8.50
CA VAL A 59 -10.14 17.40 8.47
C VAL A 59 -10.92 16.33 9.25
N ILE A 3 -19.18 -6.43 -9.98
CA ILE A 3 -18.10 -6.14 -9.06
C ILE A 3 -17.85 -7.38 -8.23
N LYS A 4 -16.89 -8.20 -8.69
CA LYS A 4 -16.48 -9.41 -8.01
C LYS A 4 -15.89 -9.08 -6.63
N ARG A 5 -16.16 -9.93 -5.64
CA ARG A 5 -15.62 -9.80 -4.30
C ARG A 5 -15.03 -11.10 -3.79
N LYS A 6 -14.66 -11.96 -4.73
CA LYS A 6 -14.21 -13.33 -4.47
C LYS A 6 -13.13 -13.75 -5.46
N ASP A 7 -12.50 -12.77 -6.11
CA ASP A 7 -11.52 -13.03 -7.16
C ASP A 7 -10.46 -11.94 -7.22
N ALA A 8 -10.81 -10.72 -6.83
CA ALA A 8 -9.89 -9.62 -6.77
C ALA A 8 -9.14 -9.50 -8.09
N SER A 9 -7.84 -9.44 -7.91
CA SER A 9 -6.85 -9.21 -8.95
C SER A 9 -5.45 -9.46 -8.41
N PRO A 10 -4.45 -9.56 -9.30
CA PRO A 10 -3.05 -9.75 -8.93
C PRO A 10 -2.53 -8.52 -8.22
N GLU A 11 -3.18 -7.41 -8.53
CA GLU A 11 -2.91 -6.11 -7.97
C GLU A 11 -3.75 -5.89 -6.75
N GLN A 12 -5.05 -6.19 -6.86
CA GLN A 12 -6.03 -5.90 -5.83
C GLN A 12 -5.81 -6.80 -4.62
N GLU A 13 -5.02 -7.87 -4.77
CA GLU A 13 -4.76 -8.74 -3.64
C GLU A 13 -3.75 -8.07 -2.72
N ALA A 14 -3.08 -7.03 -3.24
CA ALA A 14 -2.25 -6.18 -2.43
C ALA A 14 -2.88 -4.81 -2.29
N ILE A 15 -3.17 -4.13 -3.40
CA ILE A 15 -3.72 -2.78 -3.39
C ILE A 15 -4.96 -2.67 -2.53
N GLU A 16 -5.94 -3.55 -2.68
CA GLU A 16 -7.17 -3.35 -1.93
C GLU A 16 -6.98 -3.76 -0.48
N SER A 17 -5.96 -4.59 -0.21
CA SER A 17 -5.65 -5.00 1.13
C SER A 17 -4.83 -3.91 1.81
N PHE A 18 -4.10 -3.15 1.00
CA PHE A 18 -3.17 -2.16 1.45
C PHE A 18 -3.92 -0.86 1.67
N THR A 19 -4.63 -0.44 0.63
CA THR A 19 -5.44 0.75 0.64
C THR A 19 -6.51 0.71 1.73
N SER A 20 -7.02 -0.48 2.10
CA SER A 20 -7.99 -0.61 3.16
C SER A 20 -7.33 -0.69 4.54
N LEU A 21 -6.09 -1.19 4.61
CA LEU A 21 -5.37 -1.28 5.87
C LEU A 21 -4.66 0.04 6.19
N THR A 22 -4.39 0.86 5.17
CA THR A 22 -3.68 2.13 5.33
C THR A 22 -4.59 3.32 5.05
N LYS A 23 -5.84 3.05 4.65
CA LYS A 23 -6.87 4.08 4.58
C LYS A 23 -6.53 5.15 3.55
N CYS A 24 -5.50 4.92 2.74
CA CYS A 24 -5.06 5.84 1.70
C CYS A 24 -5.77 5.50 0.38
N ASP A 25 -5.31 6.10 -0.72
CA ASP A 25 -5.88 5.86 -2.04
C ASP A 25 -5.22 4.63 -2.69
N PRO A 26 -5.96 3.83 -3.46
CA PRO A 26 -5.45 2.61 -4.08
C PRO A 26 -4.24 2.85 -4.98
N LYS A 27 -4.10 4.05 -5.54
CA LYS A 27 -2.98 4.36 -6.41
C LYS A 27 -1.72 4.67 -5.60
N VAL A 28 -1.87 5.00 -4.32
CA VAL A 28 -0.73 5.19 -3.43
C VAL A 28 -0.28 3.83 -2.94
N SER A 29 -1.21 2.89 -2.74
CA SER A 29 -0.85 1.54 -2.37
C SER A 29 0.01 0.96 -3.49
N ARG A 30 -0.46 1.16 -4.73
CA ARG A 30 0.18 0.73 -5.94
C ARG A 30 1.56 1.34 -6.11
N LYS A 31 1.77 2.60 -5.73
CA LYS A 31 3.07 3.21 -5.98
C LYS A 31 4.08 2.92 -4.88
N TYR A 32 3.66 2.32 -3.76
CA TYR A 32 4.59 1.84 -2.75
C TYR A 32 4.79 0.34 -2.94
N LEU A 33 3.82 -0.32 -3.57
CA LEU A 33 3.92 -1.75 -3.83
C LEU A 33 4.90 -1.98 -4.98
N GLN A 34 4.93 -1.07 -5.96
CA GLN A 34 5.83 -1.19 -7.10
C GLN A 34 7.29 -1.02 -6.68
N ARG A 35 7.53 -0.54 -5.44
CA ARG A 35 8.86 -0.34 -4.92
C ARG A 35 9.32 -1.55 -4.11
N ASN A 36 8.42 -2.52 -3.92
CA ASN A 36 8.66 -3.68 -3.09
C ASN A 36 8.14 -4.97 -3.76
N HIS A 37 8.08 -4.98 -5.10
CA HIS A 37 7.61 -6.13 -5.87
C HIS A 37 6.23 -6.60 -5.44
N TRP A 38 5.40 -5.65 -4.98
CA TRP A 38 4.05 -5.90 -4.50
C TRP A 38 4.02 -6.88 -3.31
N ASN A 39 5.08 -6.85 -2.49
CA ASN A 39 5.12 -7.61 -1.26
C ASN A 39 4.43 -6.74 -0.23
N ILE A 40 3.31 -7.19 0.34
CA ILE A 40 2.52 -6.29 1.15
C ILE A 40 3.17 -6.02 2.50
N ASN A 41 4.14 -6.85 2.92
CA ASN A 41 4.76 -6.68 4.22
C ASN A 41 5.90 -5.68 4.08
N TYR A 42 6.64 -5.82 2.99
CA TYR A 42 7.77 -4.94 2.67
C TYR A 42 7.24 -3.56 2.33
N ALA A 43 6.14 -3.52 1.59
CA ALA A 43 5.53 -2.27 1.13
C ALA A 43 4.88 -1.51 2.29
N LEU A 44 4.41 -2.22 3.33
CA LEU A 44 3.82 -1.56 4.48
C LEU A 44 4.91 -0.93 5.35
N ASN A 45 6.10 -1.54 5.40
CA ASN A 45 7.20 -0.95 6.15
C ASN A 45 7.74 0.28 5.43
N ASP A 46 7.69 0.28 4.10
CA ASP A 46 8.15 1.42 3.32
C ASP A 46 7.17 2.58 3.46
N TYR A 47 5.87 2.29 3.58
CA TYR A 47 4.86 3.30 3.78
C TYR A 47 4.93 3.87 5.20
N TYR A 48 5.08 3.01 6.21
CA TYR A 48 5.24 3.47 7.59
C TYR A 48 6.55 4.25 7.75
N ASP A 49 7.45 4.11 6.77
CA ASP A 49 8.71 4.83 6.76
C ASP A 49 8.54 6.22 6.16
N LYS A 50 7.38 6.47 5.53
CA LYS A 50 7.10 7.70 4.81
C LYS A 50 6.05 8.56 5.52
N GLU A 51 5.35 8.01 6.52
CA GLU A 51 4.40 8.79 7.30
C GLU A 51 5.12 9.64 8.34
N ILE A 52 6.44 9.48 8.46
CA ILE A 52 7.27 10.21 9.41
C ILE A 52 7.35 11.69 9.02
N GLY A 53 6.96 12.03 7.79
CA GLY A 53 6.98 13.41 7.32
C GLY A 53 8.39 13.86 6.96
N THR A 54 9.35 12.94 6.93
CA THR A 54 10.75 13.22 6.61
C THR A 54 10.96 13.33 5.09
N PHE A 55 9.89 13.72 4.39
CA PHE A 55 9.86 13.83 2.94
C PHE A 55 10.34 15.19 2.48
N THR A 56 10.13 16.22 3.31
CA THR A 56 10.60 17.57 3.05
C THR A 56 11.91 17.80 3.82
N ASP A 57 12.60 16.70 4.12
CA ASP A 57 13.86 16.73 4.85
C ASP A 57 15.03 17.16 3.97
N GLU A 58 14.69 17.47 2.73
CA GLU A 58 15.62 17.97 1.71
C GLU A 58 15.18 19.33 1.21
N VAL A 59 14.34 20.01 1.99
CA VAL A 59 13.76 21.32 1.72
C VAL A 59 13.34 21.47 0.25
N ILE A 3 -4.23 -14.46 -13.09
CA ILE A 3 -4.77 -15.34 -12.07
C ILE A 3 -6.00 -14.73 -11.39
N LYS A 4 -6.76 -13.93 -12.15
CA LYS A 4 -7.91 -13.21 -11.65
C LYS A 4 -8.98 -14.20 -11.18
N ARG A 5 -9.32 -14.14 -9.90
CA ARG A 5 -10.28 -15.01 -9.26
C ARG A 5 -11.64 -14.35 -9.11
N LYS A 6 -11.92 -13.38 -9.99
CA LYS A 6 -13.15 -12.59 -10.01
C LYS A 6 -13.51 -12.02 -8.63
N ASP A 7 -12.51 -11.78 -7.79
CA ASP A 7 -12.70 -11.31 -6.44
C ASP A 7 -11.51 -10.53 -5.94
N ALA A 8 -10.32 -10.90 -6.41
CA ALA A 8 -9.13 -10.17 -6.06
C ALA A 8 -8.06 -10.39 -7.10
N SER A 9 -7.90 -9.37 -7.93
CA SER A 9 -6.87 -9.24 -8.95
C SER A 9 -5.46 -9.46 -8.39
N PRO A 10 -4.48 -9.66 -9.28
CA PRO A 10 -3.09 -9.87 -8.90
C PRO A 10 -2.55 -8.62 -8.22
N GLU A 11 -3.18 -7.51 -8.57
CA GLU A 11 -2.87 -6.20 -8.02
C GLU A 11 -3.76 -5.95 -6.81
N GLN A 12 -5.07 -6.23 -6.96
CA GLN A 12 -6.05 -5.93 -5.94
C GLN A 12 -5.89 -6.82 -4.72
N GLU A 13 -5.10 -7.90 -4.81
CA GLU A 13 -4.90 -8.77 -3.67
C GLU A 13 -3.87 -8.14 -2.74
N ALA A 14 -3.16 -7.13 -3.25
CA ALA A 14 -2.28 -6.32 -2.43
C ALA A 14 -2.86 -4.93 -2.27
N ILE A 15 -3.22 -4.27 -3.37
CA ILE A 15 -3.74 -2.91 -3.34
C ILE A 15 -4.96 -2.80 -2.45
N GLU A 16 -5.95 -3.67 -2.58
CA GLU A 16 -7.16 -3.49 -1.80
C GLU A 16 -6.94 -3.90 -0.34
N SER A 17 -5.92 -4.72 -0.08
CA SER A 17 -5.63 -5.15 1.28
C SER A 17 -4.82 -4.05 1.94
N PHE A 18 -4.00 -3.40 1.13
CA PHE A 18 -3.10 -2.36 1.54
C PHE A 18 -3.86 -1.06 1.75
N THR A 19 -4.47 -0.57 0.67
CA THR A 19 -5.25 0.65 0.69
C THR A 19 -6.35 0.64 1.75
N SER A 20 -6.91 -0.53 2.11
CA SER A 20 -7.89 -0.62 3.16
C SER A 20 -7.24 -0.65 4.55
N LEU A 21 -5.99 -1.11 4.64
CA LEU A 21 -5.25 -1.16 5.90
C LEU A 21 -4.47 0.13 6.15
N THR A 22 -4.16 0.89 5.11
CA THR A 22 -3.42 2.14 5.22
C THR A 22 -4.31 3.33 4.95
N LYS A 23 -5.57 3.06 4.60
CA LYS A 23 -6.60 4.09 4.54
C LYS A 23 -6.29 5.16 3.48
N CYS A 24 -5.32 4.87 2.61
CA CYS A 24 -4.91 5.77 1.54
C CYS A 24 -5.77 5.56 0.30
N ASP A 25 -5.36 6.17 -0.82
CA ASP A 25 -6.04 5.98 -2.10
C ASP A 25 -5.43 4.78 -2.82
N PRO A 26 -6.23 3.99 -3.57
CA PRO A 26 -5.79 2.79 -4.27
C PRO A 26 -4.68 3.02 -5.30
N LYS A 27 -4.34 4.29 -5.59
CA LYS A 27 -3.25 4.60 -6.51
C LYS A 27 -1.96 4.92 -5.74
N VAL A 28 -2.02 5.08 -4.43
CA VAL A 28 -0.83 5.33 -3.62
C VAL A 28 -0.27 4.00 -3.13
N SER A 29 -1.16 3.07 -2.75
CA SER A 29 -0.77 1.72 -2.37
C SER A 29 0.08 1.12 -3.48
N ARG A 30 -0.39 1.34 -4.70
CA ARG A 30 0.14 0.87 -5.96
C ARG A 30 1.51 1.45 -6.25
N LYS A 31 1.80 2.68 -5.82
CA LYS A 31 3.10 3.25 -6.10
C LYS A 31 4.13 2.92 -5.03
N TYR A 32 3.71 2.35 -3.90
CA TYR A 32 4.63 1.86 -2.88
C TYR A 32 4.83 0.37 -3.06
N LEU A 33 3.85 -0.30 -3.67
CA LEU A 33 3.91 -1.72 -3.90
C LEU A 33 4.89 -2.00 -5.04
N GLN A 34 4.94 -1.12 -6.04
CA GLN A 34 5.83 -1.28 -7.18
C GLN A 34 7.30 -1.13 -6.78
N ARG A 35 7.56 -0.64 -5.56
CA ARG A 35 8.91 -0.46 -5.05
C ARG A 35 9.36 -1.66 -4.22
N ASN A 36 8.43 -2.57 -3.96
CA ASN A 36 8.67 -3.73 -3.11
C ASN A 36 8.15 -5.01 -3.76
N HIS A 37 8.10 -5.05 -5.10
CA HIS A 37 7.61 -6.20 -5.86
C HIS A 37 6.22 -6.65 -5.40
N TRP A 38 5.42 -5.69 -4.95
CA TRP A 38 4.07 -5.92 -4.44
C TRP A 38 4.06 -6.88 -3.26
N ASN A 39 5.12 -6.84 -2.44
CA ASN A 39 5.16 -7.59 -1.20
C ASN A 39 4.46 -6.72 -0.18
N ILE A 40 3.34 -7.17 0.37
CA ILE A 40 2.54 -6.28 1.17
C ILE A 40 3.19 -6.00 2.53
N ASN A 41 4.15 -6.83 2.96
CA ASN A 41 4.75 -6.67 4.27
C ASN A 41 5.88 -5.65 4.14
N TYR A 42 6.63 -5.77 3.05
CA TYR A 42 7.73 -4.88 2.75
C TYR A 42 7.20 -3.50 2.39
N ALA A 43 6.10 -3.46 1.63
CA ALA A 43 5.50 -2.22 1.18
C ALA A 43 4.81 -1.48 2.32
N LEU A 44 4.34 -2.21 3.35
CA LEU A 44 3.71 -1.56 4.49
C LEU A 44 4.78 -0.89 5.35
N ASN A 45 5.98 -1.48 5.44
CA ASN A 45 7.07 -0.87 6.18
C ASN A 45 7.62 0.33 5.39
N ASP A 46 7.56 0.28 4.06
CA ASP A 46 8.06 1.35 3.22
C ASP A 46 7.13 2.56 3.20
N TYR A 47 5.87 2.36 3.61
CA TYR A 47 4.88 3.40 3.76
C TYR A 47 4.83 3.92 5.20
N TYR A 48 5.01 3.03 6.18
CA TYR A 48 5.12 3.45 7.57
C TYR A 48 6.48 4.07 7.83
N ASP A 49 7.38 4.04 6.83
CA ASP A 49 8.68 4.69 6.92
C ASP A 49 8.58 6.19 6.58
N LYS A 50 7.48 6.57 5.95
CA LYS A 50 7.21 7.94 5.52
C LYS A 50 6.35 8.65 6.55
N GLU A 51 5.44 7.89 7.18
CA GLU A 51 4.56 8.39 8.21
C GLU A 51 4.58 7.42 9.39
N ILE A 52 5.40 7.78 10.37
CA ILE A 52 5.58 7.05 11.61
C ILE A 52 4.28 7.01 12.41
N GLY A 53 3.36 7.93 12.12
CA GLY A 53 2.07 8.03 12.80
C GLY A 53 2.16 8.88 14.06
N THR A 54 3.36 9.35 14.41
CA THR A 54 3.56 10.19 15.60
C THR A 54 4.76 11.11 15.41
N PHE A 55 5.04 11.47 14.16
CA PHE A 55 6.18 12.28 13.77
C PHE A 55 5.65 13.50 13.03
N THR A 56 6.13 13.75 11.82
CA THR A 56 5.78 14.91 11.03
C THR A 56 4.69 14.61 10.02
N ASP A 57 3.85 13.63 10.35
CA ASP A 57 2.74 13.18 9.53
C ASP A 57 1.43 13.84 9.93
N GLU A 58 1.51 14.64 10.97
CA GLU A 58 0.44 15.43 11.52
C GLU A 58 0.43 16.85 10.97
N VAL A 59 1.18 17.02 9.88
CA VAL A 59 1.38 18.29 9.20
C VAL A 59 1.12 18.12 7.70
N ILE A 3 -11.81 -1.85 -11.92
CA ILE A 3 -12.98 -1.77 -11.04
C ILE A 3 -13.37 -3.17 -10.57
N LYS A 4 -12.37 -4.05 -10.50
CA LYS A 4 -12.54 -5.44 -10.12
C LYS A 4 -12.55 -5.59 -8.61
N ARG A 5 -13.25 -4.67 -7.93
CA ARG A 5 -13.41 -4.66 -6.49
C ARG A 5 -14.38 -5.72 -6.00
N LYS A 6 -14.51 -6.78 -6.81
CA LYS A 6 -15.49 -7.84 -6.63
C LYS A 6 -14.92 -9.18 -7.05
N ASP A 7 -13.60 -9.25 -7.21
CA ASP A 7 -12.91 -10.44 -7.70
C ASP A 7 -11.52 -10.59 -7.12
N ALA A 8 -10.90 -9.48 -6.70
CA ALA A 8 -9.56 -9.47 -6.12
C ALA A 8 -8.55 -10.02 -7.12
N SER A 9 -8.36 -9.20 -8.15
CA SER A 9 -7.33 -9.29 -9.16
C SER A 9 -5.94 -9.44 -8.54
N PRO A 10 -4.90 -9.43 -9.36
CA PRO A 10 -3.54 -9.79 -9.00
C PRO A 10 -2.84 -8.61 -8.36
N GLU A 11 -3.38 -7.43 -8.66
CA GLU A 11 -2.93 -6.19 -8.08
C GLU A 11 -3.86 -5.81 -6.93
N GLN A 12 -5.13 -6.24 -6.99
CA GLN A 12 -6.12 -5.87 -6.02
C GLN A 12 -5.96 -6.70 -4.75
N GLU A 13 -5.18 -7.79 -4.82
CA GLU A 13 -4.99 -8.64 -3.66
C GLU A 13 -3.93 -8.02 -2.77
N ALA A 14 -3.24 -7.01 -3.30
CA ALA A 14 -2.33 -6.20 -2.51
C ALA A 14 -2.88 -4.79 -2.38
N ILE A 15 -3.29 -4.14 -3.48
CA ILE A 15 -3.79 -2.78 -3.43
C ILE A 15 -5.00 -2.65 -2.54
N GLU A 16 -5.99 -3.54 -2.66
CA GLU A 16 -7.19 -3.35 -1.87
C GLU A 16 -6.96 -3.74 -0.42
N SER A 17 -5.92 -4.55 -0.19
CA SER A 17 -5.59 -4.98 1.17
C SER A 17 -4.73 -3.90 1.82
N PHE A 18 -3.98 -3.17 0.97
CA PHE A 18 -3.06 -2.17 1.45
C PHE A 18 -3.82 -0.89 1.68
N THR A 19 -4.53 -0.46 0.65
CA THR A 19 -5.35 0.73 0.69
C THR A 19 -6.39 0.70 1.81
N SER A 20 -6.89 -0.48 2.18
CA SER A 20 -7.82 -0.61 3.29
C SER A 20 -7.11 -0.65 4.63
N LEU A 21 -5.86 -1.12 4.66
CA LEU A 21 -5.08 -1.21 5.88
C LEU A 21 -4.33 0.09 6.18
N THR A 22 -4.19 0.97 5.17
CA THR A 22 -3.50 2.24 5.33
C THR A 22 -4.41 3.42 5.05
N LYS A 23 -5.65 3.13 4.67
CA LYS A 23 -6.70 4.14 4.60
C LYS A 23 -6.41 5.20 3.53
N CYS A 24 -5.40 4.96 2.69
CA CYS A 24 -5.02 5.86 1.61
C CYS A 24 -5.81 5.53 0.34
N ASP A 25 -5.41 6.12 -0.79
CA ASP A 25 -6.03 5.86 -2.08
C ASP A 25 -5.36 4.65 -2.74
N PRO A 26 -6.10 3.80 -3.46
CA PRO A 26 -5.57 2.59 -4.08
C PRO A 26 -4.39 2.86 -5.01
N LYS A 27 -4.27 4.08 -5.56
CA LYS A 27 -3.17 4.41 -6.45
C LYS A 27 -1.91 4.69 -5.67
N VAL A 28 -2.05 4.98 -4.37
CA VAL A 28 -0.90 5.17 -3.49
C VAL A 28 -0.40 3.80 -3.03
N SER A 29 -1.31 2.84 -2.87
CA SER A 29 -0.93 1.48 -2.53
C SER A 29 -0.07 0.92 -3.66
N ARG A 30 -0.58 1.12 -4.87
CA ARG A 30 0.04 0.72 -6.13
C ARG A 30 1.43 1.32 -6.29
N LYS A 31 1.65 2.58 -5.90
CA LYS A 31 2.96 3.17 -6.12
C LYS A 31 3.99 2.78 -5.06
N TYR A 32 3.56 2.29 -3.89
CA TYR A 32 4.51 1.82 -2.87
C TYR A 32 4.75 0.33 -3.05
N LEU A 33 3.80 -0.37 -3.67
CA LEU A 33 3.93 -1.79 -3.94
C LEU A 33 4.99 -2.00 -5.02
N GLN A 34 5.05 -1.09 -6.00
CA GLN A 34 5.99 -1.20 -7.11
C GLN A 34 7.43 -1.01 -6.64
N ARG A 35 7.62 -0.53 -5.42
CA ARG A 35 8.94 -0.31 -4.84
C ARG A 35 9.40 -1.51 -4.02
N ASN A 36 8.50 -2.48 -3.84
CA ASN A 36 8.76 -3.64 -2.99
C ASN A 36 8.33 -4.93 -3.69
N HIS A 37 8.29 -4.93 -5.03
CA HIS A 37 7.85 -6.08 -5.83
C HIS A 37 6.46 -6.57 -5.40
N TRP A 38 5.62 -5.64 -4.95
CA TRP A 38 4.28 -5.90 -4.47
C TRP A 38 4.27 -6.86 -3.27
N ASN A 39 5.31 -6.80 -2.44
CA ASN A 39 5.36 -7.55 -1.21
C ASN A 39 4.64 -6.70 -0.18
N ILE A 40 3.47 -7.13 0.27
CA ILE A 40 2.66 -6.26 1.10
C ILE A 40 3.28 -6.04 2.48
N ASN A 41 4.24 -6.87 2.89
CA ASN A 41 4.83 -6.74 4.21
C ASN A 41 5.96 -5.74 4.15
N TYR A 42 6.75 -5.84 3.09
CA TYR A 42 7.86 -4.94 2.84
C TYR A 42 7.33 -3.55 2.52
N ALA A 43 6.23 -3.50 1.76
CA ALA A 43 5.65 -2.25 1.33
C ALA A 43 4.93 -1.54 2.49
N LEU A 44 4.45 -2.29 3.49
CA LEU A 44 3.80 -1.67 4.63
C LEU A 44 4.85 -1.00 5.51
N ASN A 45 6.06 -1.59 5.58
CA ASN A 45 7.14 -0.98 6.33
C ASN A 45 7.65 0.27 5.59
N ASP A 46 7.61 0.25 4.24
CA ASP A 46 8.05 1.38 3.44
C ASP A 46 7.08 2.54 3.58
N TYR A 47 5.78 2.25 3.66
CA TYR A 47 4.77 3.28 3.85
C TYR A 47 4.78 3.84 5.26
N TYR A 48 4.94 2.98 6.26
CA TYR A 48 5.05 3.44 7.65
C TYR A 48 6.39 4.15 7.86
N ASP A 49 7.29 4.08 6.87
CA ASP A 49 8.56 4.79 6.90
C ASP A 49 8.42 6.17 6.27
N LYS A 50 7.32 6.39 5.54
CA LYS A 50 7.13 7.58 4.72
C LYS A 50 6.14 8.57 5.29
N GLU A 51 5.46 8.20 6.38
CA GLU A 51 4.53 9.10 7.06
C GLU A 51 5.27 10.19 7.82
N ILE A 52 6.60 10.09 7.90
CA ILE A 52 7.45 11.03 8.62
C ILE A 52 8.74 11.24 7.83
N GLY A 53 9.36 10.13 7.41
CA GLY A 53 10.59 10.17 6.63
C GLY A 53 10.28 10.27 5.14
N THR A 54 10.02 11.49 4.68
CA THR A 54 9.65 11.73 3.29
C THR A 54 10.88 11.95 2.40
N PHE A 55 12.05 11.59 2.92
CA PHE A 55 13.30 11.69 2.21
C PHE A 55 13.48 10.51 1.27
N THR A 56 13.11 9.31 1.74
CA THR A 56 13.24 8.07 1.00
C THR A 56 12.03 7.81 0.12
N ASP A 57 11.48 8.89 -0.44
CA ASP A 57 10.29 8.85 -1.28
C ASP A 57 10.55 9.41 -2.66
N GLU A 58 11.84 9.59 -2.94
CA GLU A 58 12.31 10.09 -4.23
C GLU A 58 12.45 8.98 -5.26
N VAL A 59 11.69 7.90 -5.07
CA VAL A 59 11.69 6.72 -5.92
C VAL A 59 10.27 6.43 -6.38
N ILE A 3 -11.71 -2.64 -15.19
CA ILE A 3 -12.97 -2.74 -14.46
C ILE A 3 -12.96 -4.06 -13.70
N LYS A 4 -12.59 -3.99 -12.41
CA LYS A 4 -12.70 -5.12 -11.51
C LYS A 4 -14.14 -5.43 -11.21
N ARG A 5 -14.37 -6.67 -10.76
CA ARG A 5 -15.64 -7.12 -10.23
C ARG A 5 -15.47 -7.43 -8.74
N LYS A 6 -14.50 -6.75 -8.12
CA LYS A 6 -14.17 -6.95 -6.71
C LYS A 6 -13.92 -8.42 -6.41
N ASP A 7 -13.11 -9.06 -7.25
CA ASP A 7 -12.81 -10.49 -7.18
C ASP A 7 -11.41 -10.71 -6.62
N ALA A 8 -10.75 -9.59 -6.33
CA ALA A 8 -9.39 -9.52 -5.83
C ALA A 8 -8.42 -10.10 -6.85
N SER A 9 -8.28 -9.31 -7.92
CA SER A 9 -7.33 -9.47 -8.99
C SER A 9 -5.89 -9.53 -8.46
N PRO A 10 -4.91 -9.65 -9.35
CA PRO A 10 -3.51 -9.85 -9.04
C PRO A 10 -2.90 -8.64 -8.34
N GLU A 11 -3.43 -7.47 -8.68
CA GLU A 11 -3.02 -6.23 -8.06
C GLU A 11 -3.92 -5.93 -6.88
N GLN A 12 -5.20 -6.29 -7.01
CA GLN A 12 -6.21 -5.99 -6.02
C GLN A 12 -6.08 -6.90 -4.80
N GLU A 13 -5.23 -7.92 -4.85
CA GLU A 13 -5.05 -8.80 -3.71
C GLU A 13 -4.01 -8.20 -2.77
N ALA A 14 -3.27 -7.21 -3.27
CA ALA A 14 -2.38 -6.43 -2.43
C ALA A 14 -2.93 -5.02 -2.27
N ILE A 15 -3.34 -4.37 -3.36
CA ILE A 15 -3.85 -3.02 -3.32
C ILE A 15 -5.04 -2.90 -2.39
N GLU A 16 -6.07 -3.73 -2.55
CA GLU A 16 -7.26 -3.55 -1.73
C GLU A 16 -7.00 -3.91 -0.29
N SER A 17 -5.99 -4.76 -0.04
CA SER A 17 -5.67 -5.19 1.31
C SER A 17 -4.85 -4.11 1.96
N PHE A 18 -4.03 -3.45 1.14
CA PHE A 18 -3.11 -2.43 1.55
C PHE A 18 -3.82 -1.12 1.74
N THR A 19 -4.43 -0.62 0.66
CA THR A 19 -5.16 0.62 0.63
C THR A 19 -6.27 0.67 1.70
N SER A 20 -6.83 -0.47 2.10
CA SER A 20 -7.79 -0.50 3.18
C SER A 20 -7.12 -0.54 4.55
N LEU A 21 -5.92 -1.10 4.63
CA LEU A 21 -5.15 -1.16 5.86
C LEU A 21 -4.36 0.13 6.13
N THR A 22 -4.19 0.96 5.09
CA THR A 22 -3.45 2.22 5.20
C THR A 22 -4.32 3.42 4.90
N LYS A 23 -5.58 3.16 4.54
CA LYS A 23 -6.59 4.20 4.44
C LYS A 23 -6.26 5.24 3.36
N CYS A 24 -5.25 4.95 2.53
CA CYS A 24 -4.83 5.83 1.45
C CYS A 24 -5.61 5.51 0.17
N ASP A 25 -5.24 6.18 -0.94
CA ASP A 25 -5.88 5.94 -2.22
C ASP A 25 -5.29 4.70 -2.89
N PRO A 26 -6.08 4.00 -3.72
CA PRO A 26 -5.63 2.81 -4.43
C PRO A 26 -4.41 3.07 -5.33
N LYS A 27 -4.19 4.32 -5.72
CA LYS A 27 -3.04 4.69 -6.55
C LYS A 27 -1.80 4.99 -5.72
N VAL A 28 -1.93 5.08 -4.40
CA VAL A 28 -0.80 5.28 -3.52
C VAL A 28 -0.36 3.94 -2.95
N SER A 29 -1.32 3.06 -2.66
CA SER A 29 -1.03 1.70 -2.24
C SER A 29 -0.12 1.03 -3.26
N ARG A 30 -0.40 1.37 -4.52
CA ARG A 30 0.24 0.89 -5.73
C ARG A 30 1.67 1.40 -5.81
N LYS A 31 1.87 2.71 -5.72
CA LYS A 31 3.21 3.27 -5.83
C LYS A 31 4.12 2.88 -4.65
N TYR A 32 3.58 2.27 -3.60
CA TYR A 32 4.38 1.75 -2.49
C TYR A 32 4.48 0.23 -2.56
N LEU A 33 3.69 -0.38 -3.44
CA LEU A 33 3.83 -1.80 -3.72
C LEU A 33 4.89 -2.00 -4.79
N GLN A 34 4.92 -1.10 -5.79
CA GLN A 34 5.87 -1.17 -6.88
C GLN A 34 7.33 -0.99 -6.42
N ARG A 35 7.52 -0.49 -5.20
CA ARG A 35 8.86 -0.24 -4.64
C ARG A 35 9.50 -1.53 -4.15
N ASN A 36 8.69 -2.58 -3.98
CA ASN A 36 9.14 -3.83 -3.40
C ASN A 36 8.48 -5.04 -4.05
N HIS A 37 8.25 -4.98 -5.37
CA HIS A 37 7.69 -6.09 -6.13
C HIS A 37 6.33 -6.54 -5.60
N TRP A 38 5.55 -5.59 -5.09
CA TRP A 38 4.21 -5.83 -4.55
C TRP A 38 4.22 -6.80 -3.38
N ASN A 39 5.24 -6.68 -2.52
CA ASN A 39 5.32 -7.46 -1.29
C ASN A 39 4.60 -6.67 -0.22
N ILE A 40 3.45 -7.16 0.24
CA ILE A 40 2.62 -6.33 1.09
C ILE A 40 3.27 -6.08 2.46
N ASN A 41 4.28 -6.86 2.84
CA ASN A 41 4.91 -6.72 4.15
C ASN A 41 5.99 -5.66 4.06
N TYR A 42 6.74 -5.72 2.96
CA TYR A 42 7.80 -4.77 2.67
C TYR A 42 7.19 -3.40 2.38
N ALA A 43 6.09 -3.41 1.64
CA ALA A 43 5.37 -2.20 1.26
C ALA A 43 4.76 -1.51 2.47
N LEU A 44 4.36 -2.27 3.49
CA LEU A 44 3.76 -1.67 4.68
C LEU A 44 4.85 -0.99 5.51
N ASN A 45 6.07 -1.56 5.54
CA ASN A 45 7.15 -0.95 6.28
C ASN A 45 7.65 0.29 5.56
N ASP A 46 7.68 0.28 4.22
CA ASP A 46 8.15 1.43 3.47
C ASP A 46 7.14 2.58 3.61
N TYR A 47 5.84 2.29 3.52
CA TYR A 47 4.81 3.29 3.71
C TYR A 47 4.82 3.83 5.13
N TYR A 48 5.00 2.96 6.13
CA TYR A 48 5.12 3.38 7.51
C TYR A 48 6.45 4.08 7.77
N ASP A 49 7.32 4.14 6.76
CA ASP A 49 8.57 4.89 6.85
C ASP A 49 8.42 6.28 6.21
N LYS A 50 7.27 6.54 5.58
CA LYS A 50 7.04 7.78 4.84
C LYS A 50 5.90 8.61 5.43
N GLU A 51 4.92 7.96 6.05
CA GLU A 51 3.75 8.64 6.60
C GLU A 51 4.01 9.26 7.96
N ILE A 52 5.21 9.05 8.50
CA ILE A 52 5.67 9.65 9.74
C ILE A 52 5.67 11.18 9.62
N GLY A 53 5.73 11.71 8.40
CA GLY A 53 5.67 13.15 8.16
C GLY A 53 7.03 13.84 8.35
N THR A 54 8.08 13.06 8.63
CA THR A 54 9.44 13.58 8.81
C THR A 54 10.19 13.59 7.48
N PHE A 55 9.44 13.62 6.39
CA PHE A 55 9.96 13.59 5.02
C PHE A 55 10.37 14.97 4.55
N THR A 56 9.72 16.00 5.11
CA THR A 56 10.02 17.39 4.81
C THR A 56 11.14 17.89 5.70
N ASP A 57 11.92 16.94 6.21
CA ASP A 57 13.06 17.23 7.08
C ASP A 57 14.34 17.39 6.30
N GLU A 58 14.20 17.29 4.98
CA GLU A 58 15.26 17.43 4.02
C GLU A 58 15.36 18.87 3.51
N VAL A 59 14.68 19.76 4.21
CA VAL A 59 14.62 21.19 3.90
C VAL A 59 15.91 21.90 4.30
N ILE A 3 -15.11 -2.97 -13.78
CA ILE A 3 -16.29 -3.62 -13.25
C ILE A 3 -15.92 -4.80 -12.34
N LYS A 4 -14.77 -4.70 -11.67
CA LYS A 4 -14.24 -5.74 -10.81
C LYS A 4 -15.25 -6.09 -9.74
N ARG A 5 -15.47 -7.40 -9.54
CA ARG A 5 -16.50 -7.92 -8.68
C ARG A 5 -15.87 -8.80 -7.60
N LYS A 6 -15.07 -8.15 -6.76
CA LYS A 6 -14.42 -8.77 -5.61
C LYS A 6 -13.72 -10.08 -5.98
N ASP A 7 -12.94 -10.04 -7.06
CA ASP A 7 -12.26 -11.21 -7.59
C ASP A 7 -10.81 -11.26 -7.11
N ALA A 8 -10.43 -10.17 -6.44
CA ALA A 8 -9.10 -9.94 -5.92
C ALA A 8 -8.03 -10.16 -7.00
N SER A 9 -7.98 -9.20 -7.91
CA SER A 9 -6.97 -9.05 -8.95
C SER A 9 -5.55 -9.28 -8.42
N PRO A 10 -4.57 -9.49 -9.31
CA PRO A 10 -3.18 -9.72 -8.96
C PRO A 10 -2.63 -8.51 -8.23
N GLU A 11 -3.24 -7.38 -8.54
CA GLU A 11 -2.94 -6.11 -7.94
C GLU A 11 -3.78 -5.89 -6.71
N GLN A 12 -5.08 -6.23 -6.82
CA GLN A 12 -6.05 -5.93 -5.79
C GLN A 12 -5.87 -6.85 -4.58
N GLU A 13 -5.12 -7.94 -4.75
CA GLU A 13 -4.86 -8.83 -3.63
C GLU A 13 -3.82 -8.21 -2.71
N ALA A 14 -3.16 -7.17 -3.21
CA ALA A 14 -2.29 -6.37 -2.38
C ALA A 14 -2.88 -4.98 -2.20
N ILE A 15 -3.18 -4.28 -3.29
CA ILE A 15 -3.71 -2.93 -3.25
C ILE A 15 -4.93 -2.81 -2.37
N GLU A 16 -5.95 -3.64 -2.58
CA GLU A 16 -7.17 -3.42 -1.82
C GLU A 16 -7.00 -3.84 -0.37
N SER A 17 -6.01 -4.70 -0.10
CA SER A 17 -5.74 -5.13 1.26
C SER A 17 -4.93 -4.04 1.95
N PHE A 18 -4.10 -3.38 1.16
CA PHE A 18 -3.16 -2.39 1.62
C PHE A 18 -3.88 -1.07 1.82
N THR A 19 -4.46 -0.58 0.73
CA THR A 19 -5.22 0.66 0.71
C THR A 19 -6.35 0.67 1.73
N SER A 20 -6.92 -0.49 2.09
CA SER A 20 -7.93 -0.56 3.14
C SER A 20 -7.30 -0.60 4.53
N LEU A 21 -6.06 -1.08 4.64
CA LEU A 21 -5.33 -1.12 5.90
C LEU A 21 -4.57 0.19 6.17
N THR A 22 -4.27 0.95 5.12
CA THR A 22 -3.55 2.21 5.23
C THR A 22 -4.48 3.39 4.95
N LYS A 23 -5.72 3.08 4.60
CA LYS A 23 -6.77 4.08 4.53
C LYS A 23 -6.50 5.14 3.47
N CYS A 24 -5.52 4.90 2.60
CA CYS A 24 -5.14 5.80 1.53
C CYS A 24 -5.94 5.49 0.26
N ASP A 25 -5.48 6.04 -0.88
CA ASP A 25 -6.10 5.82 -2.18
C ASP A 25 -5.42 4.63 -2.87
N PRO A 26 -6.15 3.81 -3.64
CA PRO A 26 -5.60 2.63 -4.31
C PRO A 26 -4.40 2.93 -5.22
N LYS A 27 -4.29 4.17 -5.72
CA LYS A 27 -3.19 4.56 -6.59
C LYS A 27 -1.93 4.88 -5.78
N VAL A 28 -2.06 5.00 -4.45
CA VAL A 28 -0.92 5.24 -3.58
C VAL A 28 -0.36 3.90 -3.12
N SER A 29 -1.24 2.92 -2.85
CA SER A 29 -0.79 1.58 -2.51
C SER A 29 0.08 1.05 -3.65
N ARG A 30 -0.41 1.26 -4.88
CA ARG A 30 0.27 0.91 -6.12
C ARG A 30 1.70 1.43 -6.10
N LYS A 31 1.90 2.73 -5.93
CA LYS A 31 3.21 3.33 -6.01
C LYS A 31 4.14 2.94 -4.86
N TYR A 32 3.63 2.34 -3.77
CA TYR A 32 4.48 1.85 -2.69
C TYR A 32 4.66 0.34 -2.81
N LEU A 33 3.79 -0.31 -3.58
CA LEU A 33 3.92 -1.73 -3.86
C LEU A 33 4.96 -1.91 -4.95
N GLN A 34 5.02 -0.98 -5.90
CA GLN A 34 6.01 -1.02 -6.97
C GLN A 34 7.44 -0.84 -6.43
N ARG A 35 7.55 -0.33 -5.20
CA ARG A 35 8.84 -0.13 -4.53
C ARG A 35 9.30 -1.42 -3.87
N ASN A 36 8.42 -2.44 -3.81
CA ASN A 36 8.68 -3.66 -3.05
C ASN A 36 8.18 -4.89 -3.79
N HIS A 37 8.10 -4.85 -5.12
CA HIS A 37 7.65 -5.97 -5.94
C HIS A 37 6.26 -6.47 -5.52
N TRP A 38 5.44 -5.55 -5.02
CA TRP A 38 4.09 -5.82 -4.53
C TRP A 38 4.08 -6.83 -3.38
N ASN A 39 5.11 -6.78 -2.53
CA ASN A 39 5.15 -7.55 -1.31
C ASN A 39 4.44 -6.70 -0.26
N ILE A 40 3.32 -7.16 0.27
CA ILE A 40 2.53 -6.29 1.10
C ILE A 40 3.17 -6.05 2.47
N ASN A 41 4.14 -6.88 2.87
CA ASN A 41 4.76 -6.75 4.18
C ASN A 41 5.88 -5.73 4.08
N TYR A 42 6.64 -5.83 2.99
CA TYR A 42 7.73 -4.93 2.70
C TYR A 42 7.19 -3.54 2.38
N ALA A 43 6.08 -3.51 1.63
CA ALA A 43 5.48 -2.26 1.20
C ALA A 43 4.81 -1.53 2.36
N LEU A 44 4.37 -2.26 3.39
CA LEU A 44 3.75 -1.62 4.56
C LEU A 44 4.83 -0.98 5.43
N ASN A 45 6.02 -1.60 5.49
CA ASN A 45 7.11 -1.03 6.28
C ASN A 45 7.66 0.21 5.59
N ASP A 46 7.70 0.21 4.25
CA ASP A 46 8.19 1.35 3.50
C ASP A 46 7.21 2.52 3.61
N TYR A 47 5.91 2.25 3.50
CA TYR A 47 4.89 3.27 3.64
C TYR A 47 4.87 3.85 5.05
N TYR A 48 5.08 3.02 6.07
CA TYR A 48 5.19 3.47 7.44
C TYR A 48 6.57 4.08 7.70
N ASP A 49 7.48 4.00 6.73
CA ASP A 49 8.79 4.64 6.83
C ASP A 49 8.74 6.06 6.25
N LYS A 50 7.70 6.37 5.47
CA LYS A 50 7.55 7.66 4.81
C LYS A 50 6.61 8.57 5.60
N GLU A 51 5.75 7.98 6.42
CA GLU A 51 4.84 8.70 7.29
C GLU A 51 4.69 7.90 8.58
N ILE A 52 5.65 8.13 9.47
CA ILE A 52 5.77 7.46 10.77
C ILE A 52 4.67 7.92 11.72
N GLY A 53 4.04 9.06 11.38
CA GLY A 53 2.99 9.67 12.17
C GLY A 53 3.55 10.67 13.18
N THR A 54 4.87 10.84 13.19
CA THR A 54 5.55 11.80 14.04
C THR A 54 6.69 12.49 13.29
N PHE A 55 6.58 12.50 11.96
CA PHE A 55 7.57 13.05 11.06
C PHE A 55 7.26 14.50 10.75
N THR A 56 5.96 14.80 10.67
CA THR A 56 5.46 16.15 10.51
C THR A 56 5.12 16.76 11.86
N ASP A 57 5.77 16.23 12.89
CA ASP A 57 5.52 16.68 14.25
C ASP A 57 6.03 18.10 14.44
N GLU A 58 5.06 19.00 14.59
CA GLU A 58 5.19 20.42 14.81
C GLU A 58 6.22 21.11 13.92
N VAL A 59 6.45 20.54 12.75
CA VAL A 59 7.36 21.09 11.74
C VAL A 59 6.85 22.41 11.19
#